data_4ZNL
#
_entry.id   4ZNL
#
_cell.length_a   76.920
_cell.length_b   76.920
_cell.length_c   131.120
_cell.angle_alpha   90.00
_cell.angle_beta   90.00
_cell.angle_gamma   120.00
#
_symmetry.space_group_name_H-M   'P 32'
#
loop_
_entity.id
_entity.type
_entity.pdbx_description
1 polymer 'Phage terminase large subunit'
2 non-polymer 'MAGNESIUM ION'
3 non-polymer 'BERYLLIUM TRIFLUORIDE ION'
4 non-polymer "ADENOSINE-5'-DIPHOSPHATE"
5 non-polymer 'SULFATE ION'
6 water water
#
_entity_poly.entity_id   1
_entity_poly.type   'polypeptide(L)'
_entity_poly.pdbx_seq_one_letter_code
;GPGGSMKRLRPSDKFFELLGYKPHHVQLAIHRSTAKRRVACLGRQSGKSEAASVEAVFELFARPGSQGWIIAPTYDQAEI
IFGRVVEKVERLAEVFPATEVQLQRRRLRLLVHHYDRPVNAPGAKRVATSEFRGKSADRPDNLRGATLDFVILDEAAMIP
FSVWSEAIEPTLSVRDGWALIISTPKGLNWFYEFFLMGWRGGLKEGIPNSGINQTHPDFESFHAASWDVWPERREWYMER
RLYIPDLEFRQEYGAEFVSHSGLEHHHHHHHHHH
;
_entity_poly.pdbx_strand_id   A,B,C
#
loop_
_chem_comp.id
_chem_comp.type
_chem_comp.name
_chem_comp.formula
ADP non-polymer ADENOSINE-5'-DIPHOSPHATE 'C10 H15 N5 O10 P2'
BEF non-polymer 'BERYLLIUM TRIFLUORIDE ION' 'Be F3 -1'
MG non-polymer 'MAGNESIUM ION' 'Mg 2'
SO4 non-polymer 'SULFATE ION' 'O4 S -2'
#
# COMPACT_ATOMS: atom_id res chain seq x y z
N LYS A 7 -16.49 -19.35 -2.76
CA LYS A 7 -15.63 -20.50 -2.95
C LYS A 7 -14.25 -20.26 -2.35
N ARG A 8 -13.50 -21.34 -2.15
CA ARG A 8 -12.13 -21.27 -1.67
C ARG A 8 -11.24 -22.14 -2.57
N LEU A 9 -10.33 -21.50 -3.29
CA LEU A 9 -9.52 -22.17 -4.29
C LEU A 9 -8.37 -22.96 -3.68
N ARG A 10 -8.27 -24.24 -4.04
CA ARG A 10 -7.23 -25.14 -3.55
C ARG A 10 -6.49 -25.84 -4.70
N PRO A 11 -5.22 -26.22 -4.47
CA PRO A 11 -4.40 -26.73 -5.58
C PRO A 11 -4.88 -28.05 -6.18
N SER A 12 -4.82 -28.11 -7.50
CA SER A 12 -5.23 -29.27 -8.25
C SER A 12 -4.11 -30.28 -8.38
N ASP A 13 -4.49 -31.50 -8.78
CA ASP A 13 -3.51 -32.51 -9.15
C ASP A 13 -2.53 -31.96 -10.18
N LYS A 14 -3.04 -31.17 -11.11
CA LYS A 14 -2.21 -30.65 -12.20
C LYS A 14 -1.20 -29.65 -11.68
N PHE A 15 -1.60 -28.85 -10.69
CA PHE A 15 -0.68 -27.89 -10.10
C PHE A 15 0.52 -28.60 -9.45
N PHE A 16 0.25 -29.65 -8.69
CA PHE A 16 1.29 -30.44 -8.04
C PHE A 16 2.28 -31.03 -9.06
N GLU A 17 1.74 -31.56 -10.15
CA GLU A 17 2.54 -32.15 -11.21
C GLU A 17 3.47 -31.12 -11.85
N LEU A 18 2.93 -29.96 -12.16
CA LEU A 18 3.72 -28.89 -12.76
C LEU A 18 4.88 -28.46 -11.86
N LEU A 19 4.75 -28.70 -10.56
CA LEU A 19 5.82 -28.42 -9.62
C LEU A 19 6.77 -29.60 -9.42
N GLY A 20 6.44 -30.74 -10.02
CA GLY A 20 7.19 -31.95 -9.77
C GLY A 20 7.07 -32.37 -8.32
N TYR A 21 5.90 -32.10 -7.76
CA TYR A 21 5.62 -32.34 -6.35
C TYR A 21 4.59 -33.47 -6.20
N LYS A 22 4.97 -34.51 -5.47
CA LYS A 22 4.09 -35.63 -5.19
C LYS A 22 3.77 -35.68 -3.69
N PRO A 23 2.67 -35.02 -3.28
CA PRO A 23 2.38 -34.98 -1.85
C PRO A 23 2.02 -36.33 -1.22
N HIS A 24 2.52 -36.57 0.00
CA HIS A 24 2.07 -37.70 0.83
C HIS A 24 0.60 -37.52 1.12
N HIS A 25 -0.04 -38.57 1.62
CA HIS A 25 -1.48 -38.50 1.88
C HIS A 25 -1.80 -37.41 2.90
N VAL A 26 -0.93 -37.20 3.88
CA VAL A 26 -1.19 -36.20 4.91
C VAL A 26 -1.07 -34.80 4.29
N GLN A 27 -0.05 -34.60 3.46
CA GLN A 27 0.11 -33.34 2.74
C GLN A 27 -1.10 -33.05 1.86
N LEU A 28 -1.55 -34.08 1.16
CA LEU A 28 -2.74 -34.00 0.33
C LEU A 28 -3.93 -33.50 1.17
N ALA A 29 -4.10 -34.06 2.35
CA ALA A 29 -5.21 -33.68 3.22
C ALA A 29 -5.12 -32.22 3.65
N ILE A 30 -3.91 -31.79 3.97
CA ILE A 30 -3.70 -30.42 4.40
C ILE A 30 -4.04 -29.47 3.27
N HIS A 31 -3.55 -29.78 2.07
CA HIS A 31 -3.69 -28.90 0.91
C HIS A 31 -5.13 -28.73 0.43
N ARG A 32 -5.96 -29.76 0.58
CA ARG A 32 -7.33 -29.73 0.06
C ARG A 32 -8.32 -29.13 1.03
N SER A 33 -7.91 -28.96 2.29
CA SER A 33 -8.77 -28.36 3.30
C SER A 33 -9.04 -26.90 2.99
N THR A 34 -10.29 -26.49 3.19
CA THR A 34 -10.72 -25.13 2.91
C THR A 34 -10.91 -24.35 4.21
N ALA A 35 -10.46 -24.90 5.32
CA ALA A 35 -10.60 -24.22 6.61
C ALA A 35 -9.73 -22.97 6.63
N LYS A 36 -10.24 -21.91 7.23
CA LYS A 36 -9.52 -20.64 7.41
C LYS A 36 -8.36 -20.76 8.37
N ARG A 37 -8.44 -21.74 9.27
CA ARG A 37 -7.36 -22.01 10.21
C ARG A 37 -7.02 -23.50 10.12
N ARG A 38 -5.90 -23.80 9.47
CA ARG A 38 -5.43 -25.19 9.38
C ARG A 38 -4.25 -25.35 10.33
N VAL A 39 -4.31 -26.41 11.14
CA VAL A 39 -3.28 -26.70 12.14
C VAL A 39 -2.77 -28.11 11.92
N ALA A 40 -1.49 -28.21 11.56
CA ALA A 40 -0.87 -29.47 11.20
C ALA A 40 0.24 -29.80 12.18
N CYS A 41 0.04 -30.88 12.94
CA CYS A 41 1.03 -31.36 13.91
C CYS A 41 1.76 -32.57 13.36
N LEU A 42 2.95 -32.35 12.82
CA LEU A 42 3.68 -33.40 12.11
C LEU A 42 5.09 -33.61 12.65
N GLY A 43 5.60 -34.81 12.50
CA GLY A 43 6.93 -35.16 12.93
C GLY A 43 8.04 -34.54 12.09
N ARG A 44 9.24 -34.48 12.67
CA ARG A 44 10.46 -34.07 11.98
C ARG A 44 10.62 -34.72 10.61
N GLN A 45 11.06 -33.92 9.64
CA GLN A 45 11.37 -34.39 8.29
C GLN A 45 10.17 -35.03 7.59
N SER A 46 8.96 -34.60 7.94
CA SER A 46 7.75 -35.15 7.35
C SER A 46 7.33 -34.41 6.07
N GLY A 47 7.87 -33.20 5.89
CA GLY A 47 7.50 -32.36 4.77
C GLY A 47 6.66 -31.16 5.17
N LYS A 48 6.87 -30.66 6.38
CA LYS A 48 6.17 -29.46 6.84
C LYS A 48 6.61 -28.25 6.03
N SER A 49 7.90 -28.04 5.92
CA SER A 49 8.41 -26.87 5.23
C SER A 49 8.12 -27.00 3.75
N GLU A 50 8.15 -28.23 3.24
CA GLU A 50 7.84 -28.47 1.84
C GLU A 50 6.40 -28.05 1.55
N ALA A 51 5.47 -28.52 2.38
CA ALA A 51 4.07 -28.19 2.19
C ALA A 51 3.83 -26.68 2.30
N ALA A 52 4.54 -26.05 3.22
CA ALA A 52 4.46 -24.60 3.38
C ALA A 52 4.85 -23.89 2.11
N SER A 53 5.97 -24.32 1.52
CA SER A 53 6.49 -23.68 0.32
C SER A 53 5.51 -23.85 -0.83
N VAL A 54 4.89 -25.02 -0.92
CA VAL A 54 3.96 -25.31 -2.00
C VAL A 54 2.72 -24.43 -1.88
N GLU A 55 2.21 -24.29 -0.66
CA GLU A 55 1.06 -23.42 -0.42
C GLU A 55 1.35 -21.98 -0.85
N ALA A 56 2.56 -21.50 -0.60
CA ALA A 56 2.93 -20.14 -0.96
C ALA A 56 2.99 -19.97 -2.48
N VAL A 57 3.51 -20.99 -3.16
CA VAL A 57 3.61 -20.96 -4.62
C VAL A 57 2.23 -20.96 -5.27
N PHE A 58 1.32 -21.78 -4.73
CA PHE A 58 -0.02 -21.87 -5.26
C PHE A 58 -0.69 -20.49 -5.28
N GLU A 59 -0.60 -19.77 -4.16
CA GLU A 59 -1.19 -18.44 -4.05
C GLU A 59 -0.58 -17.45 -5.05
N LEU A 60 0.74 -17.43 -5.15
CA LEU A 60 1.42 -16.51 -6.06
C LEU A 60 0.91 -16.65 -7.50
N PHE A 61 0.71 -17.89 -7.96
CA PHE A 61 0.37 -18.16 -9.36
C PHE A 61 -1.12 -18.38 -9.62
N ALA A 62 -1.83 -19.00 -8.67
CA ALA A 62 -3.24 -19.34 -8.88
C ALA A 62 -4.19 -18.21 -8.46
N ARG A 63 -3.69 -17.25 -7.69
CA ARG A 63 -4.49 -16.10 -7.32
C ARG A 63 -3.68 -14.84 -7.54
N PRO A 64 -3.58 -14.40 -8.81
CA PRO A 64 -2.76 -13.22 -9.16
C PRO A 64 -3.18 -12.01 -8.36
N GLY A 65 -2.25 -11.46 -7.59
CA GLY A 65 -2.53 -10.32 -6.73
C GLY A 65 -2.51 -10.67 -5.26
N SER A 66 -2.45 -11.97 -4.95
CA SER A 66 -2.44 -12.42 -3.56
C SER A 66 -1.16 -11.97 -2.88
N GLN A 67 -1.25 -11.74 -1.57
CA GLN A 67 -0.10 -11.35 -0.76
C GLN A 67 -0.06 -12.17 0.51
N GLY A 68 1.11 -12.69 0.84
CA GLY A 68 1.24 -13.49 2.05
C GLY A 68 2.67 -13.71 2.49
N TRP A 69 2.77 -14.28 3.68
CA TRP A 69 4.06 -14.59 4.30
C TRP A 69 4.17 -16.03 4.74
N ILE A 70 5.41 -16.54 4.76
CA ILE A 70 5.76 -17.64 5.65
C ILE A 70 6.56 -17.00 6.77
N ILE A 71 6.14 -17.29 8.00
CA ILE A 71 6.87 -16.85 9.18
C ILE A 71 7.48 -18.08 9.84
N ALA A 72 8.78 -18.00 10.11
CA ALA A 72 9.48 -19.05 10.84
C ALA A 72 9.98 -18.47 12.17
N PRO A 73 10.47 -19.32 13.08
CA PRO A 73 10.94 -18.83 14.38
C PRO A 73 12.19 -17.96 14.31
N THR A 74 13.12 -18.29 13.43
CA THR A 74 14.38 -17.55 13.33
C THR A 74 14.64 -17.08 11.91
N TYR A 75 15.41 -16.01 11.81
CA TYR A 75 15.73 -15.43 10.52
C TYR A 75 16.42 -16.44 9.61
N ASP A 76 17.30 -17.28 10.19
CA ASP A 76 18.01 -18.27 9.38
C ASP A 76 17.05 -19.26 8.73
N GLN A 77 16.02 -19.69 9.47
CA GLN A 77 15.01 -20.57 8.90
C GLN A 77 14.20 -19.86 7.82
N ALA A 78 13.88 -18.59 8.07
CA ALA A 78 13.10 -17.81 7.09
C ALA A 78 13.88 -17.68 5.79
N GLU A 79 15.17 -17.38 5.90
CA GLU A 79 16.08 -17.36 4.74
C GLU A 79 16.03 -18.65 3.96
N ILE A 80 16.17 -19.77 4.66
CA ILE A 80 16.14 -21.08 4.01
C ILE A 80 14.82 -21.29 3.28
N ILE A 81 13.70 -21.09 3.95
CA ILE A 81 12.45 -21.45 3.31
C ILE A 81 12.13 -20.44 2.20
N PHE A 82 12.58 -19.20 2.34
CA PHE A 82 12.42 -18.23 1.26
C PHE A 82 13.13 -18.74 0.01
N GLY A 83 14.35 -19.25 0.19
CA GLY A 83 15.10 -19.84 -0.90
C GLY A 83 14.35 -20.99 -1.57
N ARG A 84 13.71 -21.84 -0.76
CA ARG A 84 12.99 -22.98 -1.28
C ARG A 84 11.77 -22.56 -2.09
N VAL A 85 11.10 -21.50 -1.66
CA VAL A 85 10.00 -20.94 -2.43
C VAL A 85 10.49 -20.33 -3.75
N VAL A 86 11.62 -19.63 -3.69
CA VAL A 86 12.20 -19.01 -4.88
C VAL A 86 12.47 -20.06 -5.97
N GLU A 87 13.08 -21.17 -5.57
CA GLU A 87 13.36 -22.26 -6.50
C GLU A 87 12.09 -22.72 -7.21
N LYS A 88 11.03 -22.94 -6.44
CA LYS A 88 9.76 -23.43 -6.98
C LYS A 88 9.06 -22.42 -7.87
N VAL A 89 9.18 -21.15 -7.53
CA VAL A 89 8.57 -20.09 -8.33
C VAL A 89 9.29 -19.94 -9.66
N GLU A 90 10.62 -19.95 -9.63
CA GLU A 90 11.41 -19.83 -10.85
C GLU A 90 11.18 -20.99 -11.80
N ARG A 91 10.96 -22.18 -11.25
CA ARG A 91 10.72 -23.35 -12.09
C ARG A 91 9.34 -23.27 -12.71
N LEU A 92 8.37 -22.80 -11.95
CA LEU A 92 7.00 -22.74 -12.44
C LEU A 92 6.84 -21.58 -13.43
N ALA A 93 7.63 -20.53 -13.27
CA ALA A 93 7.56 -19.38 -14.17
C ALA A 93 7.96 -19.77 -15.60
N GLU A 94 8.77 -20.82 -15.72
CA GLU A 94 9.13 -21.34 -17.03
C GLU A 94 7.89 -21.70 -17.86
N VAL A 95 6.95 -22.41 -17.24
CA VAL A 95 5.76 -22.88 -17.95
C VAL A 95 4.58 -21.93 -17.83
N PHE A 96 4.84 -20.69 -17.41
CA PHE A 96 3.82 -19.66 -17.41
C PHE A 96 4.36 -18.40 -18.08
N PRO A 97 4.25 -18.34 -19.42
CA PRO A 97 4.81 -17.24 -20.23
C PRO A 97 4.26 -15.88 -19.85
N ALA A 98 3.08 -15.83 -19.23
CA ALA A 98 2.46 -14.55 -18.92
C ALA A 98 2.85 -14.04 -17.55
N THR A 99 3.90 -14.63 -16.96
CA THR A 99 4.38 -14.21 -15.65
C THR A 99 5.83 -13.74 -15.70
N GLU A 100 6.14 -12.76 -14.86
CA GLU A 100 7.49 -12.24 -14.70
C GLU A 100 7.80 -12.16 -13.21
N VAL A 101 8.94 -12.71 -12.82
CA VAL A 101 9.33 -12.81 -11.41
C VAL A 101 10.32 -11.71 -11.05
N GLN A 102 10.08 -11.03 -9.93
CA GLN A 102 10.99 -10.00 -9.44
C GLN A 102 11.49 -10.39 -8.05
N LEU A 103 12.78 -10.70 -7.96
CA LEU A 103 13.42 -11.14 -6.72
C LEU A 103 14.05 -9.98 -5.96
N GLN A 104 13.70 -9.86 -4.68
CA GLN A 104 14.38 -8.93 -3.78
C GLN A 104 14.92 -9.74 -2.59
N ARG A 105 16.05 -10.41 -2.82
CA ARG A 105 16.57 -11.41 -1.89
C ARG A 105 16.98 -10.85 -0.54
N ARG A 106 17.61 -9.68 -0.54
CA ARG A 106 18.08 -9.10 0.71
C ARG A 106 16.91 -8.75 1.63
N ARG A 107 15.71 -8.65 1.06
CA ARG A 107 14.48 -8.35 1.81
C ARG A 107 13.62 -9.61 2.06
N LEU A 108 14.12 -10.76 1.61
CA LEU A 108 13.32 -11.99 1.54
C LEU A 108 11.94 -11.67 0.97
N ARG A 109 11.94 -10.96 -0.15
CA ARG A 109 10.73 -10.51 -0.80
C ARG A 109 10.76 -10.95 -2.25
N LEU A 110 9.60 -11.36 -2.74
CA LEU A 110 9.44 -11.88 -4.08
C LEU A 110 8.12 -11.38 -4.64
N LEU A 111 8.15 -10.90 -5.88
CA LEU A 111 6.94 -10.53 -6.61
C LEU A 111 6.79 -11.40 -7.83
N VAL A 112 5.55 -11.79 -8.12
CA VAL A 112 5.22 -12.45 -9.38
C VAL A 112 4.23 -11.56 -10.12
N HIS A 113 4.68 -10.95 -11.20
CA HIS A 113 3.85 -10.12 -12.05
C HIS A 113 3.10 -10.95 -13.08
N HIS A 114 1.78 -10.76 -13.16
CA HIS A 114 0.95 -11.45 -14.13
C HIS A 114 0.53 -10.50 -15.24
N TYR A 115 0.65 -10.96 -16.49
CA TYR A 115 0.26 -10.17 -17.64
C TYR A 115 -0.90 -10.84 -18.37
N ASP A 116 -1.52 -10.10 -19.27
CA ASP A 116 -2.71 -10.56 -19.99
C ASP A 116 -2.34 -11.42 -21.20
N ARG A 117 -1.04 -11.64 -21.40
CA ARG A 117 -0.56 -12.42 -22.52
C ARG A 117 0.90 -12.72 -22.26
N PRO A 118 1.52 -13.58 -23.09
CA PRO A 118 2.94 -13.84 -22.91
C PRO A 118 3.72 -12.54 -22.79
N VAL A 119 4.60 -12.47 -21.79
CA VAL A 119 5.29 -11.22 -21.47
C VAL A 119 6.15 -10.77 -22.64
N ASN A 120 6.56 -11.72 -23.48
CA ASN A 120 7.40 -11.43 -24.64
C ASN A 120 6.63 -10.79 -25.80
N ALA A 121 5.30 -10.79 -25.73
CA ALA A 121 4.47 -10.45 -26.88
C ALA A 121 3.99 -8.99 -26.90
N PRO A 122 3.72 -8.45 -28.10
CA PRO A 122 3.30 -7.04 -28.26
C PRO A 122 2.02 -6.67 -27.52
N GLY A 123 2.04 -5.53 -26.84
CA GLY A 123 0.87 -5.01 -26.16
C GLY A 123 0.56 -5.69 -24.84
N ALA A 124 1.53 -6.37 -24.25
CA ALA A 124 1.32 -7.08 -23.00
C ALA A 124 0.94 -6.12 -21.88
N LYS A 125 -0.23 -6.35 -21.28
CA LYS A 125 -0.71 -5.58 -20.14
C LYS A 125 -0.45 -6.31 -18.84
N ARG A 126 0.19 -5.63 -17.88
CA ARG A 126 0.34 -6.19 -16.54
C ARG A 126 -1.00 -6.20 -15.83
N VAL A 127 -1.44 -7.39 -15.40
CA VAL A 127 -2.78 -7.59 -14.85
C VAL A 127 -2.81 -7.59 -13.32
N ALA A 128 -1.75 -8.10 -12.72
CA ALA A 128 -1.69 -8.25 -11.28
C ALA A 128 -0.28 -8.58 -10.85
N THR A 129 0.02 -8.24 -9.60
CA THR A 129 1.29 -8.57 -8.97
C THR A 129 1.02 -9.30 -7.68
N SER A 130 1.54 -10.51 -7.56
CA SER A 130 1.47 -11.29 -6.33
C SER A 130 2.72 -11.03 -5.50
N GLU A 131 2.58 -11.13 -4.18
CA GLU A 131 3.71 -10.87 -3.28
C GLU A 131 3.88 -11.95 -2.22
N PHE A 132 5.12 -12.33 -2.01
CA PHE A 132 5.50 -13.27 -0.96
C PHE A 132 6.69 -12.73 -0.20
N ARG A 133 6.69 -12.93 1.12
CA ARG A 133 7.85 -12.60 1.94
C ARG A 133 8.11 -13.67 2.98
N GLY A 134 9.39 -13.87 3.28
CA GLY A 134 9.83 -14.63 4.44
C GLY A 134 10.01 -13.70 5.62
N LYS A 135 9.51 -14.15 6.77
CA LYS A 135 9.56 -13.36 7.98
C LYS A 135 10.01 -14.25 9.10
N SER A 136 10.45 -13.62 10.18
CA SER A 136 10.99 -14.33 11.31
C SER A 136 10.40 -13.81 12.62
N ALA A 137 10.00 -14.73 13.48
CA ALA A 137 9.43 -14.38 14.77
C ALA A 137 10.45 -13.70 15.70
N ASP A 138 11.74 -13.94 15.46
CA ASP A 138 12.78 -13.33 16.30
C ASP A 138 13.04 -11.88 15.90
N ARG A 139 12.33 -11.42 14.86
CA ARG A 139 12.38 -10.02 14.45
C ARG A 139 10.97 -9.42 14.40
N PRO A 140 10.31 -9.30 15.57
CA PRO A 140 8.89 -8.92 15.55
C PRO A 140 8.63 -7.50 15.04
N ASP A 141 9.65 -6.65 15.07
CA ASP A 141 9.52 -5.30 14.52
C ASP A 141 9.19 -5.32 13.03
N ASN A 142 9.60 -6.40 12.36
CA ASN A 142 9.36 -6.55 10.93
C ASN A 142 7.94 -7.01 10.58
N LEU A 143 7.14 -7.31 11.60
CA LEU A 143 5.87 -8.01 11.39
C LEU A 143 4.66 -7.09 11.44
N ARG A 144 4.91 -5.79 11.58
CA ARG A 144 3.83 -4.83 11.77
C ARG A 144 3.43 -4.15 10.48
N GLY A 145 2.22 -3.59 10.46
CA GLY A 145 1.78 -2.72 9.39
C GLY A 145 1.17 -3.38 8.17
N ALA A 146 1.13 -4.71 8.16
CA ALA A 146 0.75 -5.44 6.97
C ALA A 146 -0.72 -5.86 6.91
N THR A 147 -1.23 -5.92 5.67
CA THR A 147 -2.54 -6.44 5.36
C THR A 147 -2.34 -7.54 4.32
N LEU A 148 -2.77 -8.75 4.66
CA LEU A 148 -2.42 -9.94 3.89
C LEU A 148 -3.61 -10.83 3.59
N ASP A 149 -3.44 -11.68 2.57
CA ASP A 149 -4.45 -12.69 2.23
C ASP A 149 -4.19 -14.03 2.89
N PHE A 150 -2.92 -14.30 3.21
CA PHE A 150 -2.58 -15.55 3.89
C PHE A 150 -1.31 -15.45 4.70
N VAL A 151 -1.23 -16.27 5.74
CA VAL A 151 0.01 -16.48 6.45
C VAL A 151 0.20 -17.96 6.69
N ILE A 152 1.47 -18.36 6.66
CA ILE A 152 1.87 -19.71 6.96
C ILE A 152 2.88 -19.60 8.07
N LEU A 153 2.63 -20.25 9.22
CA LEU A 153 3.61 -20.31 10.31
C LEU A 153 4.29 -21.68 10.32
N ASP A 154 5.58 -21.67 10.02
CA ASP A 154 6.40 -22.89 10.00
C ASP A 154 7.08 -23.05 11.37
N GLU A 155 7.13 -24.27 11.88
CA GLU A 155 7.48 -24.57 13.28
C GLU A 155 6.79 -23.63 14.25
N ALA A 156 5.48 -23.53 14.08
CA ALA A 156 4.65 -22.63 14.87
C ALA A 156 4.82 -22.81 16.38
N ALA A 157 5.07 -24.02 16.85
CA ALA A 157 5.14 -24.26 18.30
C ALA A 157 6.35 -23.60 18.95
N MET A 158 7.27 -23.10 18.12
CA MET A 158 8.44 -22.36 18.61
C MET A 158 8.23 -20.86 18.53
N ILE A 159 7.06 -20.44 18.06
CA ILE A 159 6.76 -19.01 17.90
C ILE A 159 5.93 -18.55 19.10
N PRO A 160 6.35 -17.45 19.77
CA PRO A 160 5.54 -17.04 20.94
C PRO A 160 4.10 -16.73 20.55
N PHE A 161 3.15 -17.08 21.42
CA PHE A 161 1.73 -16.81 21.16
C PHE A 161 1.47 -15.34 20.87
N SER A 162 2.16 -14.48 21.61
CA SER A 162 1.98 -13.04 21.46
C SER A 162 2.24 -12.60 20.02
N VAL A 163 3.20 -13.25 19.36
CA VAL A 163 3.54 -12.89 17.98
C VAL A 163 2.37 -13.21 17.06
N TRP A 164 1.73 -14.35 17.28
CA TRP A 164 0.53 -14.67 16.51
C TRP A 164 -0.60 -13.68 16.81
N SER A 165 -0.88 -13.45 18.10
CA SER A 165 -2.05 -12.67 18.49
C SER A 165 -1.91 -11.17 18.21
N GLU A 166 -0.72 -10.62 18.42
CA GLU A 166 -0.52 -9.18 18.32
C GLU A 166 -0.04 -8.72 16.94
N ALA A 167 0.69 -9.56 16.23
CA ALA A 167 1.29 -9.14 14.97
C ALA A 167 0.70 -9.85 13.75
N ILE A 168 0.54 -11.16 13.83
CA ILE A 168 0.26 -11.93 12.63
C ILE A 168 -1.24 -12.00 12.33
N GLU A 169 -2.04 -12.39 13.32
N GLU A 169 -2.04 -12.39 13.31
CA GLU A 169 -3.48 -12.54 13.12
CA GLU A 169 -3.46 -12.54 13.09
C GLU A 169 -4.16 -11.28 12.59
C GLU A 169 -4.16 -11.27 12.60
N PRO A 170 -3.80 -10.09 13.12
CA PRO A 170 -4.43 -8.86 12.62
C PRO A 170 -4.20 -8.61 11.12
N THR A 171 -3.14 -9.18 10.55
CA THR A 171 -2.85 -8.95 9.14
C THR A 171 -3.92 -9.60 8.27
N LEU A 172 -4.68 -10.51 8.84
CA LEU A 172 -5.69 -11.28 8.11
C LEU A 172 -7.10 -10.71 8.19
N SER A 173 -7.30 -9.69 9.02
CA SER A 173 -8.65 -9.19 9.34
C SER A 173 -9.42 -8.59 8.16
N VAL A 174 -8.82 -7.65 7.44
CA VAL A 174 -9.52 -6.94 6.38
C VAL A 174 -10.02 -7.89 5.32
N ARG A 175 -9.17 -8.84 4.97
CA ARG A 175 -9.46 -9.71 3.84
C ARG A 175 -10.04 -11.03 4.27
N ASP A 176 -10.17 -11.22 5.58
CA ASP A 176 -10.56 -12.52 6.11
C ASP A 176 -9.62 -13.60 5.55
N GLY A 177 -8.32 -13.35 5.67
CA GLY A 177 -7.30 -14.25 5.14
C GLY A 177 -7.17 -15.54 5.92
N TRP A 178 -6.49 -16.52 5.32
CA TRP A 178 -6.35 -17.81 5.96
C TRP A 178 -4.99 -17.98 6.60
N ALA A 179 -4.93 -18.90 7.56
CA ALA A 179 -3.67 -19.25 8.20
C ALA A 179 -3.44 -20.75 8.18
N LEU A 180 -2.22 -21.12 7.82
CA LEU A 180 -1.74 -22.49 7.98
C LEU A 180 -0.68 -22.50 9.07
N ILE A 181 -0.96 -23.26 10.12
CA ILE A 181 -0.13 -23.29 11.31
C ILE A 181 0.44 -24.70 11.48
N ILE A 182 1.72 -24.87 11.15
CA ILE A 182 2.33 -26.18 11.04
C ILE A 182 3.59 -26.31 11.88
N SER A 183 3.76 -27.45 12.54
CA SER A 183 4.85 -27.60 13.51
C SER A 183 5.02 -29.03 14.00
N THR A 184 6.24 -29.33 14.43
CA THR A 184 6.46 -30.39 15.39
C THR A 184 6.07 -29.80 16.75
N PRO A 185 5.34 -30.57 17.58
CA PRO A 185 4.82 -29.98 18.82
C PRO A 185 5.88 -29.66 19.86
N LYS A 186 5.58 -28.72 20.76
CA LYS A 186 6.43 -28.42 21.91
C LYS A 186 5.58 -28.31 23.17
N GLY A 187 5.02 -29.43 23.60
CA GLY A 187 4.21 -29.45 24.79
C GLY A 187 2.85 -28.81 24.63
N LEU A 188 2.23 -28.50 25.76
CA LEU A 188 0.86 -28.03 25.79
C LEU A 188 0.76 -26.52 25.73
N ASN A 189 1.42 -25.91 24.75
CA ASN A 189 1.37 -24.46 24.60
C ASN A 189 0.26 -24.06 23.62
N TRP A 190 0.31 -22.84 23.08
CA TRP A 190 -0.78 -22.36 22.26
C TRP A 190 -0.98 -23.19 20.98
N PHE A 191 0.10 -23.80 20.47
CA PHE A 191 -0.01 -24.64 19.30
C PHE A 191 -0.89 -25.84 19.59
N TYR A 192 -0.73 -26.42 20.78
CA TYR A 192 -1.59 -27.50 21.24
C TYR A 192 -3.05 -27.06 21.36
N GLU A 193 -3.26 -25.88 21.94
CA GLU A 193 -4.61 -25.34 22.12
C GLU A 193 -5.30 -25.13 20.78
N PHE A 194 -4.59 -24.53 19.83
CA PHE A 194 -5.12 -24.30 18.49
C PHE A 194 -5.36 -25.63 17.75
N PHE A 195 -4.45 -26.59 17.91
CA PHE A 195 -4.62 -27.91 17.31
C PHE A 195 -5.95 -28.55 17.76
N LEU A 196 -6.22 -28.53 19.05
CA LEU A 196 -7.43 -29.14 19.58
C LEU A 196 -8.70 -28.53 19.01
N MET A 197 -8.67 -27.22 18.73
CA MET A 197 -9.82 -26.52 18.17
C MET A 197 -10.25 -27.12 16.84
N GLY A 198 -9.33 -27.78 16.14
CA GLY A 198 -9.63 -28.38 14.86
C GLY A 198 -9.56 -29.89 14.82
N TRP A 199 -9.40 -30.54 15.97
CA TRP A 199 -9.17 -31.98 16.00
C TRP A 199 -10.45 -32.78 16.19
N ARG A 200 -10.87 -33.48 15.14
CA ARG A 200 -12.09 -34.28 15.18
C ARG A 200 -11.78 -35.75 14.90
N GLY A 201 -10.53 -36.13 15.07
CA GLY A 201 -10.09 -37.48 14.78
C GLY A 201 -10.34 -38.44 15.93
N GLY A 202 -10.89 -37.92 17.03
CA GLY A 202 -11.18 -38.75 18.18
C GLY A 202 -9.95 -39.02 19.05
N LEU A 203 -10.12 -39.92 20.02
CA LEU A 203 -9.07 -40.33 20.93
C LEU A 203 -7.85 -40.83 20.15
N LYS A 204 -6.68 -40.28 20.44
CA LYS A 204 -5.46 -40.72 19.77
C LYS A 204 -4.29 -40.63 20.73
N GLU A 205 -3.51 -41.70 20.77
CA GLU A 205 -2.30 -41.74 21.57
C GLU A 205 -1.38 -40.57 21.24
N GLY A 206 -0.99 -39.84 22.29
CA GLY A 206 -0.08 -38.72 22.14
C GLY A 206 -0.76 -37.37 22.09
N ILE A 207 -2.09 -37.39 22.11
CA ILE A 207 -2.88 -36.16 22.14
C ILE A 207 -3.75 -36.14 23.41
N PRO A 208 -3.28 -35.45 24.45
CA PRO A 208 -4.03 -35.40 25.71
C PRO A 208 -5.45 -34.88 25.52
N ASN A 209 -6.41 -35.60 26.10
CA ASN A 209 -7.82 -35.22 26.10
C ASN A 209 -8.41 -35.16 24.70
N SER A 210 -7.82 -35.90 23.77
CA SER A 210 -8.40 -36.06 22.45
C SER A 210 -9.68 -36.88 22.54
N GLY A 211 -10.68 -36.50 21.76
CA GLY A 211 -11.96 -37.19 21.77
C GLY A 211 -12.99 -36.52 22.64
N ILE A 212 -12.55 -35.66 23.55
CA ILE A 212 -13.48 -34.90 24.39
C ILE A 212 -13.20 -33.40 24.33
N ASN A 213 -12.43 -33.00 23.32
CA ASN A 213 -12.12 -31.60 23.10
C ASN A 213 -13.22 -30.86 22.35
N GLN A 214 -13.39 -29.58 22.66
CA GLN A 214 -14.31 -28.74 21.91
C GLN A 214 -13.62 -28.18 20.67
N THR A 215 -14.36 -28.08 19.57
CA THR A 215 -13.82 -27.64 18.29
C THR A 215 -14.52 -26.39 17.79
N HIS A 216 -13.88 -25.72 16.84
CA HIS A 216 -14.44 -24.56 16.18
CA HIS A 216 -14.45 -24.55 16.19
C HIS A 216 -14.57 -24.80 14.68
N PRO A 217 -15.68 -24.35 14.05
CA PRO A 217 -15.88 -24.66 12.63
C PRO A 217 -14.83 -24.09 11.68
N ASP A 218 -14.10 -23.05 12.10
CA ASP A 218 -13.09 -22.45 11.20
C ASP A 218 -11.76 -23.19 11.22
N PHE A 219 -11.65 -24.15 12.13
CA PHE A 219 -10.41 -24.88 12.34
C PHE A 219 -10.49 -26.31 11.81
N GLU A 220 -9.41 -26.75 11.17
CA GLU A 220 -9.25 -28.15 10.85
C GLU A 220 -7.81 -28.59 11.16
N SER A 221 -7.69 -29.69 11.89
CA SER A 221 -6.40 -30.14 12.38
C SER A 221 -5.96 -31.49 11.83
N PHE A 222 -4.64 -31.64 11.71
CA PHE A 222 -4.03 -32.82 11.12
C PHE A 222 -2.87 -33.30 11.98
N HIS A 223 -2.76 -34.61 12.18
CA HIS A 223 -1.74 -35.18 13.04
C HIS A 223 -1.15 -36.44 12.42
N ALA A 224 0.18 -36.48 12.35
CA ALA A 224 0.87 -37.65 11.85
C ALA A 224 2.34 -37.68 12.30
N ALA A 225 2.75 -38.84 12.81
CA ALA A 225 4.15 -39.07 13.15
C ALA A 225 4.93 -39.17 11.85
N SER A 226 6.24 -38.99 11.93
CA SER A 226 7.06 -38.98 10.73
C SER A 226 6.92 -40.29 9.94
N TRP A 227 6.72 -41.40 10.64
CA TRP A 227 6.56 -42.70 9.97
C TRP A 227 5.15 -42.93 9.44
N ASP A 228 4.19 -42.12 9.89
CA ASP A 228 2.85 -42.20 9.32
C ASP A 228 2.78 -41.43 8.00
N VAL A 229 3.49 -40.31 7.91
CA VAL A 229 3.47 -39.52 6.68
C VAL A 229 4.31 -40.22 5.61
N TRP A 230 5.33 -40.94 6.07
CA TRP A 230 6.34 -41.55 5.20
C TRP A 230 6.59 -42.99 5.63
N PRO A 231 5.57 -43.86 5.48
CA PRO A 231 5.63 -45.22 6.00
C PRO A 231 6.69 -46.09 5.31
N GLU A 232 7.20 -45.60 4.18
CA GLU A 232 8.22 -46.29 3.42
C GLU A 232 9.45 -46.53 4.29
N ARG A 233 9.87 -45.48 4.97
CA ARG A 233 11.09 -45.47 5.75
C ARG A 233 10.76 -45.39 7.23
N ARG A 234 9.90 -46.30 7.66
CA ARG A 234 9.46 -46.37 9.04
C ARG A 234 10.61 -46.74 9.97
N GLU A 235 11.46 -47.65 9.52
CA GLU A 235 12.58 -48.13 10.34
C GLU A 235 13.68 -47.08 10.51
N TRP A 236 13.90 -46.26 9.48
CA TRP A 236 14.89 -45.20 9.58
C TRP A 236 14.57 -44.26 10.73
N TYR A 237 13.28 -43.90 10.85
CA TYR A 237 12.84 -43.07 11.97
C TYR A 237 12.96 -43.84 13.27
N MET A 238 12.55 -45.11 13.25
CA MET A 238 12.49 -45.91 14.46
C MET A 238 13.85 -46.28 15.04
N GLU A 239 14.90 -46.22 14.23
CA GLU A 239 16.25 -46.49 14.75
C GLU A 239 16.62 -45.43 15.78
N ARG A 240 16.14 -44.21 15.57
CA ARG A 240 16.47 -43.10 16.47
C ARG A 240 15.94 -43.36 17.88
N ARG A 241 14.94 -44.22 17.97
CA ARG A 241 14.33 -44.64 19.23
C ARG A 241 15.36 -45.17 20.24
N LEU A 242 16.39 -45.82 19.69
CA LEU A 242 17.37 -46.55 20.50
C LEU A 242 18.48 -45.67 21.05
N TYR A 243 18.59 -44.43 20.59
CA TYR A 243 19.64 -43.54 21.10
C TYR A 243 19.17 -42.08 21.27
N ILE A 244 17.86 -41.91 21.34
CA ILE A 244 17.24 -40.65 21.66
C ILE A 244 16.28 -40.91 22.82
N PRO A 245 16.26 -40.03 23.84
CA PRO A 245 15.34 -40.27 24.97
C PRO A 245 13.88 -40.40 24.55
N ASP A 246 13.12 -41.22 25.28
CA ASP A 246 11.74 -41.58 24.93
C ASP A 246 10.88 -40.37 24.66
N LEU A 247 10.79 -39.44 25.61
CA LEU A 247 9.93 -38.28 25.45
C LEU A 247 10.33 -37.43 24.25
N GLU A 248 11.64 -37.33 24.00
CA GLU A 248 12.13 -36.57 22.87
C GLU A 248 11.80 -37.26 21.55
N PHE A 249 11.92 -38.58 21.50
CA PHE A 249 11.59 -39.30 20.28
C PHE A 249 10.11 -39.16 19.99
N ARG A 250 9.29 -39.35 21.02
CA ARG A 250 7.84 -39.28 20.90
C ARG A 250 7.37 -37.89 20.46
N GLN A 251 8.03 -36.84 20.94
CA GLN A 251 7.67 -35.50 20.53
C GLN A 251 8.14 -35.19 19.11
N GLU A 252 9.41 -35.46 18.82
CA GLU A 252 10.02 -34.96 17.58
C GLU A 252 9.68 -35.81 16.35
N TYR A 253 9.57 -37.14 16.51
CA TYR A 253 9.20 -38.01 15.40
C TYR A 253 7.78 -38.53 15.57
N GLY A 254 7.37 -38.79 16.82
CA GLY A 254 6.02 -39.24 17.08
C GLY A 254 4.99 -38.14 16.97
N ALA A 255 5.43 -36.88 17.05
CA ALA A 255 4.55 -35.71 17.05
C ALA A 255 3.55 -35.75 18.20
N GLU A 256 3.96 -36.33 19.31
CA GLU A 256 3.12 -36.35 20.51
C GLU A 256 3.21 -35.02 21.25
N PHE A 257 2.12 -34.64 21.88
CA PHE A 257 2.10 -33.52 22.80
C PHE A 257 2.50 -34.03 24.18
N VAL A 258 3.66 -33.60 24.67
CA VAL A 258 4.25 -34.13 25.91
C VAL A 258 4.10 -33.19 27.12
N SER A 259 4.67 -31.98 27.07
CA SER A 259 4.56 -31.08 28.23
C SER A 259 4.72 -29.60 27.89
N LYS B 7 -21.56 -9.57 9.08
CA LYS B 7 -20.09 -9.59 9.12
C LYS B 7 -19.52 -8.40 8.33
N ARG B 8 -20.23 -7.99 7.29
CA ARG B 8 -19.81 -6.86 6.47
C ARG B 8 -20.15 -5.54 7.17
N LEU B 9 -19.11 -4.79 7.52
CA LEU B 9 -19.26 -3.54 8.29
C LEU B 9 -19.84 -2.40 7.47
N ARG B 10 -20.87 -1.73 8.00
CA ARG B 10 -21.50 -0.59 7.34
C ARG B 10 -21.52 0.63 8.26
N PRO B 11 -21.49 1.84 7.68
CA PRO B 11 -21.38 3.08 8.46
C PRO B 11 -22.52 3.30 9.45
N SER B 12 -22.14 3.71 10.66
CA SER B 12 -23.07 3.99 11.74
C SER B 12 -23.65 5.40 11.66
N ASP B 13 -24.66 5.65 12.48
CA ASP B 13 -25.19 7.00 12.66
C ASP B 13 -24.07 7.93 13.13
N LYS B 14 -23.21 7.41 13.99
CA LYS B 14 -22.14 8.23 14.57
C LYS B 14 -21.12 8.62 13.52
N PHE B 15 -20.77 7.68 12.65
CA PHE B 15 -19.85 7.95 11.56
C PHE B 15 -20.34 9.10 10.68
N PHE B 16 -21.62 9.07 10.33
CA PHE B 16 -22.22 10.10 9.50
C PHE B 16 -22.12 11.48 10.17
N GLU B 17 -22.41 11.56 11.47
CA GLU B 17 -22.43 12.85 12.13
C GLU B 17 -21.01 13.39 12.38
N LEU B 18 -20.02 12.51 12.48
CA LEU B 18 -18.63 12.95 12.56
C LEU B 18 -18.16 13.58 11.24
N LEU B 19 -18.88 13.29 10.15
CA LEU B 19 -18.57 13.86 8.85
C LEU B 19 -19.42 15.10 8.54
N GLY B 20 -20.34 15.44 9.44
CA GLY B 20 -21.26 16.55 9.19
C GLY B 20 -22.17 16.21 8.03
N TYR B 21 -22.47 14.92 7.90
CA TYR B 21 -23.19 14.39 6.76
C TYR B 21 -24.56 13.87 7.19
N LYS B 22 -25.61 14.41 6.58
CA LYS B 22 -26.99 14.02 6.88
C LYS B 22 -27.60 13.33 5.66
N PRO B 23 -27.46 12.01 5.55
CA PRO B 23 -27.92 11.30 4.34
C PRO B 23 -29.43 11.41 4.07
N HIS B 24 -29.78 11.64 2.80
CA HIS B 24 -31.16 11.47 2.35
C HIS B 24 -31.55 10.01 2.51
N HIS B 25 -32.84 9.71 2.54
CA HIS B 25 -33.28 8.33 2.77
CA HIS B 25 -33.28 8.34 2.76
C HIS B 25 -32.71 7.39 1.72
N VAL B 26 -32.63 7.86 0.47
CA VAL B 26 -32.11 7.03 -0.60
C VAL B 26 -30.61 6.82 -0.39
N GLN B 27 -29.93 7.87 0.06
CA GLN B 27 -28.51 7.78 0.39
C GLN B 27 -28.29 6.78 1.52
N LEU B 28 -29.19 6.81 2.51
CA LEU B 28 -29.10 5.90 3.63
C LEU B 28 -29.28 4.46 3.17
N ALA B 29 -30.25 4.23 2.29
CA ALA B 29 -30.52 2.89 1.78
C ALA B 29 -29.28 2.32 1.09
N ILE B 30 -28.61 3.14 0.30
CA ILE B 30 -27.41 2.72 -0.39
C ILE B 30 -26.32 2.36 0.62
N HIS B 31 -26.12 3.24 1.60
CA HIS B 31 -25.07 3.04 2.59
C HIS B 31 -25.30 1.76 3.43
N ARG B 32 -26.56 1.47 3.74
CA ARG B 32 -26.92 0.29 4.54
C ARG B 32 -26.74 -1.03 3.82
N SER B 33 -26.79 -0.99 2.49
CA SER B 33 -26.75 -2.22 1.71
C SER B 33 -25.41 -2.93 1.82
N THR B 34 -25.48 -4.25 1.99
CA THR B 34 -24.29 -5.10 2.07
C THR B 34 -24.06 -5.89 0.78
N ALA B 35 -24.88 -5.65 -0.24
CA ALA B 35 -24.68 -6.33 -1.51
C ALA B 35 -23.31 -6.01 -2.11
N LYS B 36 -22.65 -7.01 -2.71
CA LYS B 36 -21.32 -6.84 -3.32
C LYS B 36 -21.36 -5.98 -4.57
N ARG B 37 -22.53 -5.89 -5.19
CA ARG B 37 -22.74 -5.06 -6.37
C ARG B 37 -23.95 -4.16 -6.15
N ARG B 38 -23.70 -2.92 -5.75
CA ARG B 38 -24.77 -1.94 -5.60
C ARG B 38 -24.81 -1.06 -6.84
N VAL B 39 -26.01 -0.91 -7.41
CA VAL B 39 -26.19 -0.07 -8.59
C VAL B 39 -27.24 0.99 -8.31
N ALA B 40 -26.82 2.25 -8.36
CA ALA B 40 -27.68 3.37 -8.01
C ALA B 40 -27.91 4.30 -9.19
N CYS B 41 -29.15 4.29 -9.70
CA CYS B 41 -29.55 5.16 -10.80
C CYS B 41 -30.32 6.38 -10.27
N LEU B 42 -29.62 7.49 -10.10
CA LEU B 42 -30.20 8.67 -9.46
C LEU B 42 -30.09 9.90 -10.35
N GLY B 43 -31.02 10.83 -10.14
CA GLY B 43 -31.08 12.04 -10.92
C GLY B 43 -29.92 12.94 -10.58
N ARG B 44 -29.65 13.88 -11.49
CA ARG B 44 -28.56 14.84 -11.37
C ARG B 44 -28.66 15.73 -10.13
N GLN B 45 -27.53 16.13 -9.58
CA GLN B 45 -27.47 16.97 -8.38
C GLN B 45 -28.30 16.42 -7.21
N SER B 46 -28.27 15.11 -7.02
CA SER B 46 -29.04 14.46 -5.96
C SER B 46 -28.17 13.98 -4.80
N GLY B 47 -26.85 13.96 -5.00
CA GLY B 47 -25.90 13.54 -3.98
C GLY B 47 -25.18 12.25 -4.31
N LYS B 48 -25.01 11.98 -5.61
CA LYS B 48 -24.31 10.78 -6.05
C LYS B 48 -22.83 10.83 -5.67
N SER B 49 -22.17 11.94 -5.96
CA SER B 49 -20.75 12.08 -5.66
C SER B 49 -20.51 12.24 -4.17
N GLU B 50 -21.43 12.90 -3.48
CA GLU B 50 -21.34 13.02 -2.03
C GLU B 50 -21.33 11.63 -1.41
N ALA B 51 -22.29 10.80 -1.77
CA ALA B 51 -22.40 9.44 -1.25
C ALA B 51 -21.17 8.62 -1.61
N ALA B 52 -20.67 8.79 -2.82
CA ALA B 52 -19.48 8.08 -3.26
C ALA B 52 -18.31 8.40 -2.35
N SER B 53 -18.15 9.69 -2.06
CA SER B 53 -17.01 10.11 -1.26
C SER B 53 -17.14 9.57 0.17
N VAL B 54 -18.36 9.55 0.69
CA VAL B 54 -18.58 9.03 2.04
C VAL B 54 -18.24 7.54 2.12
N GLU B 55 -18.59 6.78 1.10
CA GLU B 55 -18.24 5.36 1.07
C GLU B 55 -16.74 5.14 1.11
N ALA B 56 -15.99 5.96 0.37
CA ALA B 56 -14.54 5.81 0.34
C ALA B 56 -13.93 6.12 1.70
N VAL B 57 -14.43 7.17 2.36
CA VAL B 57 -13.91 7.53 3.67
C VAL B 57 -14.17 6.42 4.69
N PHE B 58 -15.35 5.83 4.65
CA PHE B 58 -15.72 4.81 5.61
C PHE B 58 -14.75 3.64 5.57
N GLU B 59 -14.50 3.16 4.36
CA GLU B 59 -13.57 2.05 4.15
C GLU B 59 -12.21 2.36 4.74
N LEU B 60 -11.68 3.55 4.46
CA LEU B 60 -10.34 3.91 4.89
C LEU B 60 -10.16 3.84 6.41
N PHE B 61 -11.22 4.17 7.16
CA PHE B 61 -11.15 4.20 8.62
C PHE B 61 -11.75 2.98 9.32
N ALA B 62 -12.86 2.46 8.80
CA ALA B 62 -13.52 1.35 9.46
C ALA B 62 -12.81 0.04 9.16
N ARG B 63 -12.03 0.02 8.08
CA ARG B 63 -11.25 -1.16 7.72
C ARG B 63 -9.80 -0.78 7.41
N PRO B 64 -9.00 -0.54 8.45
CA PRO B 64 -7.58 -0.19 8.30
C PRO B 64 -6.84 -1.23 7.47
N GLY B 65 -6.30 -0.80 6.34
CA GLY B 65 -5.65 -1.69 5.40
C GLY B 65 -6.41 -1.82 4.08
N SER B 66 -7.65 -1.38 4.05
CA SER B 66 -8.45 -1.50 2.83
C SER B 66 -7.87 -0.64 1.71
N GLN B 67 -8.14 -1.07 0.47
CA GLN B 67 -7.67 -0.36 -0.71
C GLN B 67 -8.78 -0.28 -1.73
N GLY B 68 -9.00 0.91 -2.28
CA GLY B 68 -9.99 1.07 -3.31
C GLY B 68 -9.89 2.34 -4.09
N TRP B 69 -10.76 2.44 -5.09
CA TRP B 69 -10.75 3.53 -6.05
C TRP B 69 -12.13 4.14 -6.20
N ILE B 70 -12.15 5.43 -6.52
CA ILE B 70 -13.27 6.01 -7.25
C ILE B 70 -12.82 6.20 -8.69
N ILE B 71 -13.61 5.69 -9.62
CA ILE B 71 -13.39 5.90 -11.05
C ILE B 71 -14.48 6.79 -11.61
N ALA B 72 -14.08 7.88 -12.26
CA ALA B 72 -14.99 8.76 -12.97
C ALA B 72 -14.74 8.64 -14.47
N PRO B 73 -15.64 9.21 -15.30
CA PRO B 73 -15.45 9.15 -16.76
C PRO B 73 -14.24 9.96 -17.24
N THR B 74 -13.95 11.09 -16.61
CA THR B 74 -12.82 11.93 -17.00
C THR B 74 -11.91 12.28 -15.82
N TYR B 75 -10.69 12.70 -16.14
CA TYR B 75 -9.71 13.07 -15.13
C TYR B 75 -10.16 14.29 -14.33
N ASP B 76 -10.82 15.23 -14.99
CA ASP B 76 -11.32 16.42 -14.30
C ASP B 76 -12.30 16.06 -13.19
N GLN B 77 -13.23 15.15 -13.49
CA GLN B 77 -14.20 14.69 -12.52
C GLN B 77 -13.54 13.93 -11.37
N ALA B 78 -12.46 13.23 -11.69
CA ALA B 78 -11.73 12.44 -10.71
C ALA B 78 -10.98 13.35 -9.75
N GLU B 79 -10.45 14.46 -10.25
CA GLU B 79 -9.76 15.43 -9.40
C GLU B 79 -10.72 16.02 -8.38
N ILE B 80 -11.88 16.45 -8.85
CA ILE B 80 -12.87 17.07 -7.97
C ILE B 80 -13.31 16.09 -6.89
N ILE B 81 -13.72 14.90 -7.28
CA ILE B 81 -14.25 13.95 -6.31
C ILE B 81 -13.14 13.51 -5.35
N PHE B 82 -11.92 13.36 -5.87
CA PHE B 82 -10.76 13.10 -5.01
C PHE B 82 -10.66 14.17 -3.92
N GLY B 83 -10.66 15.44 -4.31
CA GLY B 83 -10.58 16.53 -3.36
C GLY B 83 -11.68 16.46 -2.30
N ARG B 84 -12.86 16.04 -2.72
CA ARG B 84 -13.98 15.92 -1.80
C ARG B 84 -13.72 14.84 -0.75
N VAL B 85 -13.19 13.69 -1.17
CA VAL B 85 -12.82 12.64 -0.23
C VAL B 85 -11.78 13.17 0.75
N VAL B 86 -10.75 13.83 0.24
CA VAL B 86 -9.71 14.41 1.08
C VAL B 86 -10.28 15.28 2.20
N GLU B 87 -11.29 16.08 1.87
CA GLU B 87 -11.91 16.99 2.83
C GLU B 87 -12.56 16.22 3.97
N LYS B 88 -13.21 15.11 3.64
CA LYS B 88 -13.90 14.31 4.64
C LYS B 88 -12.92 13.49 5.48
N VAL B 89 -11.87 12.99 4.83
CA VAL B 89 -10.85 12.20 5.52
C VAL B 89 -10.14 13.03 6.58
N GLU B 90 -9.76 14.24 6.21
CA GLU B 90 -9.02 15.11 7.11
C GLU B 90 -9.90 15.52 8.29
N ARG B 91 -11.21 15.61 8.06
CA ARG B 91 -12.14 15.95 9.13
C ARG B 91 -12.27 14.81 10.14
N LEU B 92 -12.49 13.60 9.63
CA LEU B 92 -12.65 12.44 10.48
C LEU B 92 -11.36 12.15 11.25
N ALA B 93 -10.23 12.41 10.61
CA ALA B 93 -8.92 12.09 11.18
C ALA B 93 -8.60 12.92 12.42
N GLU B 94 -9.24 14.09 12.55
CA GLU B 94 -8.96 14.96 13.68
C GLU B 94 -9.49 14.37 14.99
N VAL B 95 -10.51 13.52 14.89
CA VAL B 95 -11.05 12.84 16.07
C VAL B 95 -10.59 11.37 16.13
N PHE B 96 -9.55 11.06 15.37
CA PHE B 96 -8.89 9.77 15.45
C PHE B 96 -7.39 10.01 15.59
N PRO B 97 -6.92 10.22 16.84
CA PRO B 97 -5.53 10.64 17.08
C PRO B 97 -4.48 9.58 16.76
N ALA B 98 -4.90 8.34 16.47
CA ALA B 98 -3.96 7.29 16.07
C ALA B 98 -3.87 7.19 14.56
N THR B 99 -4.52 8.10 13.86
CA THR B 99 -4.53 8.07 12.39
C THR B 99 -3.68 9.19 11.83
N GLU B 100 -3.26 9.00 10.59
CA GLU B 100 -2.24 9.80 9.98
C GLU B 100 -2.48 9.85 8.48
N VAL B 101 -2.80 11.04 7.98
CA VAL B 101 -3.18 11.23 6.58
C VAL B 101 -1.98 11.60 5.73
N GLN B 102 -1.76 10.89 4.64
CA GLN B 102 -0.67 11.19 3.70
C GLN B 102 -1.18 11.37 2.27
N LEU B 103 -0.76 12.47 1.64
CA LEU B 103 -1.35 12.93 0.37
C LEU B 103 -0.42 12.88 -0.83
N GLN B 104 -1.03 12.78 -2.01
CA GLN B 104 -0.34 12.88 -3.29
C GLN B 104 -1.34 13.40 -4.31
N ARG B 105 -1.37 14.72 -4.48
CA ARG B 105 -2.44 15.40 -5.23
C ARG B 105 -2.40 15.19 -6.75
N ARG B 106 -1.30 14.66 -7.28
CA ARG B 106 -1.19 14.47 -8.73
C ARG B 106 -1.01 13.01 -9.13
N ARG B 107 -0.83 12.14 -8.15
CA ARG B 107 -1.02 10.71 -8.38
C ARG B 107 -2.49 10.37 -8.09
N LEU B 108 -3.21 11.38 -7.56
CA LEU B 108 -4.56 11.19 -7.08
C LEU B 108 -4.59 10.02 -6.12
N ARG B 109 -3.61 9.99 -5.22
CA ARG B 109 -3.42 8.91 -4.25
C ARG B 109 -3.46 9.47 -2.83
N LEU B 110 -4.12 8.73 -1.95
CA LEU B 110 -4.27 9.10 -0.55
C LEU B 110 -4.05 7.88 0.33
N LEU B 111 -3.20 8.01 1.34
CA LEU B 111 -2.96 6.95 2.31
C LEU B 111 -3.40 7.38 3.70
N VAL B 112 -4.04 6.46 4.42
CA VAL B 112 -4.33 6.66 5.84
C VAL B 112 -3.58 5.62 6.65
N HIS B 113 -2.58 6.08 7.40
CA HIS B 113 -1.80 5.23 8.27
C HIS B 113 -2.42 5.14 9.64
N HIS B 114 -2.64 3.93 10.12
CA HIS B 114 -3.16 3.69 11.47
C HIS B 114 -2.06 3.20 12.42
N TYR B 115 -2.05 3.74 13.63
CA TYR B 115 -1.04 3.40 14.64
C TYR B 115 -1.63 2.69 15.84
N ASP B 116 -0.76 2.04 16.62
CA ASP B 116 -1.17 1.33 17.83
C ASP B 116 -1.40 2.26 19.02
N ARG B 117 -1.18 3.55 18.81
CA ARG B 117 -1.32 4.54 19.87
C ARG B 117 -1.36 5.90 19.20
N PRO B 118 -1.66 6.97 19.97
CA PRO B 118 -1.66 8.30 19.35
C PRO B 118 -0.37 8.57 18.57
N VAL B 119 -0.51 9.16 17.38
CA VAL B 119 0.60 9.50 16.51
C VAL B 119 1.70 10.33 17.20
N ASN B 120 1.29 11.26 18.06
CA ASN B 120 2.29 12.13 18.69
C ASN B 120 2.86 11.55 19.97
N ALA B 121 2.48 10.33 20.33
CA ALA B 121 3.12 9.65 21.44
C ALA B 121 4.44 9.02 20.97
N PRO B 122 5.48 9.05 21.83
CA PRO B 122 6.74 8.37 21.52
C PRO B 122 6.61 6.87 21.26
N GLY B 123 7.21 6.42 20.17
CA GLY B 123 7.26 5.00 19.87
C GLY B 123 6.00 4.45 19.20
N ALA B 124 5.10 5.33 18.77
CA ALA B 124 3.92 4.88 18.04
C ALA B 124 4.33 4.05 16.83
N LYS B 125 3.71 2.88 16.67
CA LYS B 125 4.04 2.00 15.56
C LYS B 125 2.85 1.79 14.62
N ARG B 126 3.14 1.80 13.33
CA ARG B 126 2.14 1.60 12.29
C ARG B 126 1.58 0.19 12.33
N VAL B 127 0.26 0.11 12.28
CA VAL B 127 -0.47 -1.15 12.35
C VAL B 127 -1.12 -1.48 11.01
N ALA B 128 -1.45 -0.45 10.25
CA ALA B 128 -2.11 -0.66 8.96
C ALA B 128 -2.14 0.61 8.12
N THR B 129 -2.17 0.44 6.80
CA THR B 129 -2.27 1.58 5.90
C THR B 129 -3.39 1.38 4.89
N SER B 130 -4.39 2.26 4.95
CA SER B 130 -5.49 2.22 3.99
C SER B 130 -5.11 3.10 2.82
N GLU B 131 -5.64 2.76 1.65
CA GLU B 131 -5.26 3.43 0.42
C GLU B 131 -6.48 3.78 -0.41
N PHE B 132 -6.48 5.00 -0.91
CA PHE B 132 -7.52 5.48 -1.79
C PHE B 132 -6.89 6.18 -2.98
N ARG B 133 -7.40 5.89 -4.17
CA ARG B 133 -6.99 6.60 -5.40
C ARG B 133 -8.20 7.07 -6.20
N GLY B 134 -8.06 8.21 -6.87
CA GLY B 134 -9.01 8.63 -7.87
C GLY B 134 -8.51 8.22 -9.24
N LYS B 135 -9.39 7.65 -10.05
CA LYS B 135 -9.03 7.20 -11.41
C LYS B 135 -10.02 7.71 -12.45
N SER B 136 -9.65 7.57 -13.72
CA SER B 136 -10.42 8.09 -14.83
C SER B 136 -10.59 7.06 -15.95
N ALA B 137 -11.81 6.93 -16.45
CA ALA B 137 -12.10 6.00 -17.54
C ALA B 137 -11.40 6.42 -18.83
N ASP B 138 -11.16 7.71 -19.00
CA ASP B 138 -10.52 8.21 -20.22
C ASP B 138 -9.00 7.98 -20.21
N ARG B 139 -8.53 7.24 -19.22
CA ARG B 139 -7.14 6.80 -19.16
C ARG B 139 -7.09 5.34 -18.75
N PRO B 140 -7.55 4.45 -19.65
CA PRO B 140 -7.70 3.01 -19.33
C PRO B 140 -6.41 2.35 -18.86
N ASP B 141 -5.27 2.94 -19.22
CA ASP B 141 -3.96 2.35 -18.91
C ASP B 141 -3.65 2.40 -17.42
N ASN B 142 -4.13 3.44 -16.75
CA ASN B 142 -3.88 3.59 -15.31
C ASN B 142 -4.81 2.74 -14.46
N LEU B 143 -5.70 1.99 -15.12
CA LEU B 143 -6.67 1.15 -14.44
C LEU B 143 -6.22 -0.30 -14.32
N ARG B 144 -5.06 -0.61 -14.91
CA ARG B 144 -4.58 -1.98 -15.01
C ARG B 144 -3.62 -2.34 -13.89
N GLY B 145 -3.64 -3.61 -13.48
CA GLY B 145 -2.61 -4.14 -12.60
C GLY B 145 -2.96 -4.15 -11.13
N ALA B 146 -4.13 -3.62 -10.78
CA ALA B 146 -4.48 -3.43 -9.37
C ALA B 146 -5.22 -4.63 -8.77
N THR B 147 -5.06 -4.77 -7.46
CA THR B 147 -5.84 -5.71 -6.65
C THR B 147 -6.45 -4.90 -5.49
N LEU B 148 -7.78 -4.93 -5.36
CA LEU B 148 -8.51 -3.99 -4.50
C LEU B 148 -9.60 -4.64 -3.67
N ASP B 149 -10.04 -3.90 -2.65
CA ASP B 149 -11.14 -4.30 -1.81
C ASP B 149 -12.45 -3.69 -2.29
N PHE B 150 -12.39 -2.51 -2.91
CA PHE B 150 -13.59 -1.86 -3.39
C PHE B 150 -13.30 -0.93 -4.55
N VAL B 151 -14.30 -0.74 -5.40
CA VAL B 151 -14.27 0.29 -6.43
C VAL B 151 -15.61 0.98 -6.43
N ILE B 152 -15.58 2.29 -6.64
CA ILE B 152 -16.78 3.09 -6.79
C ILE B 152 -16.70 3.72 -8.17
N LEU B 153 -17.76 3.53 -8.97
CA LEU B 153 -17.87 4.15 -10.28
C LEU B 153 -18.89 5.28 -10.24
N ASP B 154 -18.42 6.51 -10.40
CA ASP B 154 -19.26 7.69 -10.44
C ASP B 154 -19.55 8.02 -11.90
N GLU B 155 -20.81 8.37 -12.20
CA GLU B 155 -21.31 8.46 -13.57
C GLU B 155 -20.88 7.25 -14.40
N ALA B 156 -21.18 6.07 -13.85
CA ALA B 156 -20.87 4.81 -14.50
C ALA B 156 -21.44 4.71 -15.93
N ALA B 157 -22.66 5.20 -16.14
CA ALA B 157 -23.30 5.12 -17.45
C ALA B 157 -22.54 5.86 -18.54
N MET B 158 -21.59 6.72 -18.15
CA MET B 158 -20.73 7.43 -19.09
C MET B 158 -19.38 6.74 -19.25
N ILE B 159 -19.21 5.60 -18.58
CA ILE B 159 -17.99 4.80 -18.69
C ILE B 159 -18.21 3.60 -19.61
N PRO B 160 -17.27 3.31 -20.52
CA PRO B 160 -17.49 2.16 -21.42
C PRO B 160 -17.54 0.84 -20.68
N PHE B 161 -18.41 -0.07 -21.13
CA PHE B 161 -18.52 -1.39 -20.52
C PHE B 161 -17.17 -2.08 -20.50
N SER B 162 -16.40 -1.92 -21.58
CA SER B 162 -15.10 -2.58 -21.71
C SER B 162 -14.17 -2.18 -20.57
N VAL B 163 -14.28 -0.96 -20.10
CA VAL B 163 -13.46 -0.47 -19.00
C VAL B 163 -13.81 -1.22 -17.71
N TRP B 164 -15.09 -1.49 -17.50
CA TRP B 164 -15.52 -2.25 -16.34
C TRP B 164 -15.12 -3.73 -16.43
N SER B 165 -15.42 -4.35 -17.57
CA SER B 165 -15.19 -5.77 -17.77
C SER B 165 -13.71 -6.14 -17.82
N GLU B 166 -12.90 -5.33 -18.49
CA GLU B 166 -11.51 -5.71 -18.75
C GLU B 166 -10.55 -5.22 -17.67
N ALA B 167 -10.86 -4.09 -17.05
CA ALA B 167 -9.91 -3.45 -16.15
C ALA B 167 -10.41 -3.41 -14.70
N ILE B 168 -11.61 -2.90 -14.49
CA ILE B 168 -12.08 -2.63 -13.14
C ILE B 168 -12.55 -3.88 -12.39
N GLU B 169 -13.35 -4.71 -13.04
N GLU B 169 -13.35 -4.71 -13.05
CA GLU B 169 -13.94 -5.87 -12.37
CA GLU B 169 -13.95 -5.87 -12.40
C GLU B 169 -12.88 -6.86 -11.87
C GLU B 169 -12.95 -6.93 -11.93
N PRO B 170 -11.86 -7.15 -12.70
CA PRO B 170 -10.86 -8.13 -12.24
C PRO B 170 -10.10 -7.70 -10.98
N THR B 171 -10.10 -6.41 -10.64
CA THR B 171 -9.39 -5.94 -9.44
C THR B 171 -10.06 -6.43 -8.16
N LEU B 172 -11.31 -6.86 -8.27
CA LEU B 172 -12.10 -7.32 -7.12
C LEU B 172 -12.08 -8.84 -6.91
N SER B 173 -11.48 -9.58 -7.83
CA SER B 173 -11.53 -11.04 -7.81
C SER B 173 -10.86 -11.68 -6.59
N VAL B 174 -9.58 -11.36 -6.38
CA VAL B 174 -8.81 -12.03 -5.33
C VAL B 174 -9.47 -11.89 -3.97
N ARG B 175 -9.91 -10.68 -3.66
CA ARG B 175 -10.43 -10.39 -2.34
C ARG B 175 -11.96 -10.42 -2.27
N ASP B 176 -12.60 -10.81 -3.37
CA ASP B 176 -14.06 -10.74 -3.49
C ASP B 176 -14.54 -9.36 -3.06
N GLY B 177 -13.99 -8.34 -3.71
CA GLY B 177 -14.27 -6.96 -3.34
C GLY B 177 -15.63 -6.47 -3.84
N TRP B 178 -16.07 -5.33 -3.34
CA TRP B 178 -17.38 -4.81 -3.70
C TRP B 178 -17.31 -3.63 -4.63
N ALA B 179 -18.40 -3.42 -5.36
CA ALA B 179 -18.51 -2.32 -6.32
C ALA B 179 -19.78 -1.52 -6.07
N LEU B 180 -19.64 -0.21 -6.02
CA LEU B 180 -20.78 0.70 -6.05
C LEU B 180 -20.78 1.39 -7.39
N ILE B 181 -21.85 1.18 -8.15
CA ILE B 181 -21.95 1.67 -9.52
C ILE B 181 -23.09 2.70 -9.56
N ILE B 182 -22.72 3.98 -9.64
CA ILE B 182 -23.69 5.05 -9.46
C ILE B 182 -23.65 6.06 -10.63
N SER B 183 -24.83 6.47 -11.06
CA SER B 183 -24.93 7.31 -12.24
C SER B 183 -26.31 7.87 -12.47
N THR B 184 -26.36 8.95 -13.24
CA THR B 184 -27.57 9.36 -13.92
C THR B 184 -27.57 8.53 -15.20
N PRO B 185 -28.76 8.03 -15.62
CA PRO B 185 -28.75 7.07 -16.71
C PRO B 185 -28.49 7.69 -18.08
N LYS B 186 -28.02 6.88 -19.02
CA LYS B 186 -27.75 7.31 -20.39
C LYS B 186 -28.29 6.27 -21.37
N GLY B 187 -29.57 5.96 -21.24
CA GLY B 187 -30.21 4.98 -22.08
C GLY B 187 -29.94 3.54 -21.68
N LEU B 188 -30.27 2.62 -22.58
CA LEU B 188 -30.26 1.19 -22.30
C LEU B 188 -28.90 0.55 -22.49
N ASN B 189 -27.83 1.21 -22.05
CA ASN B 189 -26.49 0.66 -22.20
C ASN B 189 -26.19 -0.30 -21.04
N TRP B 190 -24.91 -0.55 -20.77
CA TRP B 190 -24.55 -1.58 -19.80
C TRP B 190 -24.97 -1.23 -18.37
N PHE B 191 -25.05 0.06 -18.06
CA PHE B 191 -25.46 0.51 -16.74
C PHE B 191 -26.91 0.13 -16.49
N TYR B 192 -27.74 0.28 -17.52
CA TYR B 192 -29.12 -0.16 -17.46
C TYR B 192 -29.20 -1.68 -17.25
N GLU B 193 -28.34 -2.41 -17.95
CA GLU B 193 -28.31 -3.87 -17.83
C GLU B 193 -27.91 -4.30 -16.43
N PHE B 194 -26.86 -3.69 -15.90
CA PHE B 194 -26.41 -4.01 -14.55
C PHE B 194 -27.42 -3.55 -13.51
N PHE B 195 -28.03 -2.39 -13.75
CA PHE B 195 -29.09 -1.91 -12.87
C PHE B 195 -30.22 -2.93 -12.80
N LEU B 196 -30.58 -3.54 -13.93
CA LEU B 196 -31.70 -4.47 -13.95
C LEU B 196 -31.36 -5.73 -13.16
N MET B 197 -30.09 -6.10 -13.12
CA MET B 197 -29.66 -7.29 -12.39
C MET B 197 -29.90 -7.19 -10.88
N GLY B 198 -30.12 -5.98 -10.38
CA GLY B 198 -30.35 -5.76 -8.95
C GLY B 198 -31.67 -5.09 -8.63
N TRP B 199 -32.56 -5.00 -9.61
CA TRP B 199 -33.81 -4.29 -9.43
C TRP B 199 -34.93 -5.20 -8.93
N ARG B 200 -35.41 -4.92 -7.73
CA ARG B 200 -36.40 -5.75 -7.06
C ARG B 200 -37.61 -4.94 -6.63
N GLY B 201 -37.83 -3.81 -7.29
CA GLY B 201 -38.93 -2.92 -6.97
C GLY B 201 -40.06 -2.95 -7.99
N GLY B 202 -40.07 -3.96 -8.84
CA GLY B 202 -41.15 -4.14 -9.80
C GLY B 202 -41.26 -3.03 -10.84
N LEU B 203 -42.36 -3.03 -11.57
CA LEU B 203 -42.59 -2.06 -12.65
C LEU B 203 -42.48 -0.61 -12.17
N LYS B 204 -41.85 0.22 -12.99
CA LYS B 204 -41.69 1.64 -12.69
C LYS B 204 -41.51 2.43 -13.98
N GLU B 205 -42.03 3.64 -14.00
CA GLU B 205 -41.89 4.54 -15.13
C GLU B 205 -40.41 4.80 -15.42
N GLY B 206 -40.07 4.87 -16.70
CA GLY B 206 -38.70 5.10 -17.10
C GLY B 206 -37.80 3.89 -16.97
N ILE B 207 -38.37 2.76 -16.51
CA ILE B 207 -37.61 1.52 -16.33
C ILE B 207 -38.23 0.38 -17.16
N PRO B 208 -37.82 0.25 -18.43
CA PRO B 208 -38.36 -0.80 -19.29
C PRO B 208 -38.06 -2.21 -18.78
N ASN B 209 -39.01 -3.12 -18.96
CA ASN B 209 -38.88 -4.53 -18.58
C ASN B 209 -38.66 -4.75 -17.09
N SER B 210 -39.15 -3.82 -16.27
CA SER B 210 -39.23 -4.05 -14.85
C SER B 210 -40.45 -4.92 -14.59
N GLY B 211 -40.38 -5.77 -13.57
CA GLY B 211 -41.45 -6.72 -13.31
C GLY B 211 -41.21 -8.07 -13.95
N ILE B 212 -40.52 -8.07 -15.09
CA ILE B 212 -40.11 -9.32 -15.74
C ILE B 212 -38.60 -9.46 -15.79
N ASN B 213 -37.88 -8.49 -15.23
CA ASN B 213 -36.42 -8.52 -15.23
C ASN B 213 -35.87 -9.64 -14.34
N GLN B 214 -34.79 -10.25 -14.79
CA GLN B 214 -34.10 -11.29 -14.02
C GLN B 214 -33.00 -10.68 -13.14
N THR B 215 -33.06 -11.01 -11.85
CA THR B 215 -32.09 -10.49 -10.89
C THR B 215 -30.92 -11.45 -10.69
N HIS B 216 -29.87 -10.94 -10.07
CA HIS B 216 -28.64 -11.69 -9.82
C HIS B 216 -28.39 -11.67 -8.30
N PRO B 217 -27.91 -12.78 -7.72
CA PRO B 217 -27.86 -12.87 -6.25
C PRO B 217 -27.01 -11.83 -5.50
N ASP B 218 -26.04 -11.18 -6.15
CA ASP B 218 -25.17 -10.22 -5.45
C ASP B 218 -25.46 -8.77 -5.82
N PHE B 219 -26.52 -8.56 -6.59
CA PHE B 219 -26.86 -7.22 -7.06
C PHE B 219 -28.02 -6.63 -6.27
N GLU B 220 -27.89 -5.35 -5.94
CA GLU B 220 -28.99 -4.60 -5.35
C GLU B 220 -29.03 -3.21 -5.98
N SER B 221 -30.19 -2.85 -6.53
CA SER B 221 -30.33 -1.61 -7.29
C SER B 221 -31.24 -0.59 -6.62
N PHE B 222 -30.88 0.68 -6.80
CA PHE B 222 -31.62 1.80 -6.24
C PHE B 222 -31.98 2.75 -7.37
N HIS B 223 -33.21 3.26 -7.35
CA HIS B 223 -33.67 4.18 -8.37
C HIS B 223 -34.52 5.29 -7.78
N ALA B 224 -34.22 6.53 -8.16
CA ALA B 224 -34.95 7.68 -7.68
C ALA B 224 -34.64 8.93 -8.50
N ALA B 225 -35.69 9.61 -8.95
CA ALA B 225 -35.51 10.92 -9.57
C ALA B 225 -34.88 11.86 -8.54
N SER B 226 -34.33 12.97 -9.02
CA SER B 226 -33.67 13.94 -8.16
C SER B 226 -34.59 14.41 -7.03
N TRP B 227 -35.84 14.73 -7.37
CA TRP B 227 -36.79 15.25 -6.39
C TRP B 227 -37.28 14.16 -5.44
N ASP B 228 -37.06 12.90 -5.78
CA ASP B 228 -37.41 11.81 -4.88
C ASP B 228 -36.29 11.59 -3.86
N VAL B 229 -35.05 11.69 -4.34
CA VAL B 229 -33.90 11.59 -3.47
C VAL B 229 -33.84 12.77 -2.50
N TRP B 230 -34.32 13.92 -2.96
CA TRP B 230 -34.16 15.17 -2.24
C TRP B 230 -35.40 16.06 -2.39
N PRO B 231 -36.52 15.65 -1.78
CA PRO B 231 -37.82 16.32 -1.95
C PRO B 231 -37.82 17.80 -1.58
N GLU B 232 -36.88 18.22 -0.74
CA GLU B 232 -36.88 19.57 -0.21
C GLU B 232 -36.69 20.64 -1.28
N ARG B 233 -36.13 20.25 -2.43
CA ARG B 233 -36.01 21.17 -3.55
C ARG B 233 -36.53 20.52 -4.83
N ARG B 234 -37.72 19.94 -4.73
CA ARG B 234 -38.42 19.38 -5.86
C ARG B 234 -38.59 20.45 -6.94
N GLU B 235 -38.97 21.65 -6.53
CA GLU B 235 -39.34 22.70 -7.48
C GLU B 235 -38.13 23.32 -8.17
N TRP B 236 -36.97 23.31 -7.51
CA TRP B 236 -35.74 23.75 -8.16
C TRP B 236 -35.47 22.83 -9.35
N TYR B 237 -35.68 21.53 -9.12
CA TYR B 237 -35.53 20.54 -10.18
C TYR B 237 -36.56 20.78 -11.27
N MET B 238 -37.79 21.09 -10.87
CA MET B 238 -38.90 21.09 -11.81
C MET B 238 -38.91 22.31 -12.73
N GLU B 239 -38.35 23.43 -12.30
CA GLU B 239 -38.35 24.61 -13.15
C GLU B 239 -37.44 24.42 -14.36
N ARG B 240 -36.62 23.37 -14.34
CA ARG B 240 -35.72 23.09 -15.46
C ARG B 240 -36.46 22.58 -16.67
N ARG B 241 -37.62 21.98 -16.47
CA ARG B 241 -38.33 21.35 -17.59
C ARG B 241 -38.97 22.40 -18.50
N LEU B 242 -38.98 23.65 -18.05
CA LEU B 242 -39.53 24.74 -18.86
C LEU B 242 -38.59 25.20 -19.99
N TYR B 243 -37.31 24.83 -19.91
CA TYR B 243 -36.34 25.28 -20.90
C TYR B 243 -35.31 24.21 -21.23
N ILE B 244 -35.65 22.97 -20.92
CA ILE B 244 -34.88 21.81 -21.33
C ILE B 244 -35.81 20.84 -22.05
N PRO B 245 -35.34 20.16 -23.10
CA PRO B 245 -36.21 19.19 -23.78
C PRO B 245 -36.76 18.10 -22.84
N ASP B 246 -37.95 17.61 -23.15
CA ASP B 246 -38.63 16.63 -22.31
C ASP B 246 -37.77 15.40 -22.08
N LEU B 247 -37.16 14.89 -23.15
CA LEU B 247 -36.37 13.68 -23.08
C LEU B 247 -35.17 13.87 -22.17
N GLU B 248 -34.53 15.03 -22.27
CA GLU B 248 -33.35 15.31 -21.46
C GLU B 248 -33.73 15.49 -19.99
N PHE B 249 -34.86 16.12 -19.74
CA PHE B 249 -35.28 16.32 -18.36
C PHE B 249 -35.66 14.98 -17.72
N ARG B 250 -36.35 14.14 -18.48
CA ARG B 250 -36.77 12.83 -18.00
C ARG B 250 -35.54 11.97 -17.62
N GLN B 251 -34.46 12.13 -18.37
CA GLN B 251 -33.25 11.36 -18.12
C GLN B 251 -32.44 11.94 -16.97
N GLU B 252 -32.10 13.22 -17.08
CA GLU B 252 -31.13 13.85 -16.20
C GLU B 252 -31.66 14.10 -14.78
N TYR B 253 -32.95 14.39 -14.67
CA TYR B 253 -33.57 14.66 -13.37
C TYR B 253 -34.56 13.57 -13.00
N GLY B 254 -35.26 13.04 -14.00
CA GLY B 254 -36.22 11.97 -13.77
C GLY B 254 -35.59 10.59 -13.63
N ALA B 255 -34.30 10.49 -13.93
CA ALA B 255 -33.56 9.24 -13.85
C ALA B 255 -34.19 8.12 -14.67
N GLU B 256 -34.87 8.48 -15.76
CA GLU B 256 -35.48 7.52 -16.66
C GLU B 256 -34.46 6.94 -17.62
N PHE B 257 -34.61 5.66 -17.93
CA PHE B 257 -33.77 5.01 -18.93
C PHE B 257 -34.34 5.25 -20.32
N VAL B 258 -33.74 6.20 -21.05
CA VAL B 258 -34.28 6.60 -22.35
C VAL B 258 -33.27 6.71 -23.49
N SER B 259 -32.08 7.28 -23.21
CA SER B 259 -31.18 7.84 -24.24
C SER B 259 -31.26 7.14 -25.61
N HIS B 260 -32.41 7.29 -26.25
CA HIS B 260 -32.69 6.65 -27.52
C HIS B 260 -33.98 7.21 -28.13
N ARG C 8 32.76 14.94 7.22
CA ARG C 8 33.19 13.63 6.75
C ARG C 8 32.01 12.70 6.52
N LEU C 9 31.06 12.72 7.45
CA LEU C 9 30.00 11.71 7.53
C LEU C 9 28.97 11.77 6.42
N ARG C 10 29.03 10.81 5.48
CA ARG C 10 28.08 10.74 4.37
C ARG C 10 27.46 9.34 4.29
N PRO C 11 26.23 9.23 3.74
CA PRO C 11 25.52 7.94 3.70
C PRO C 11 26.27 6.83 2.98
N SER C 12 26.34 5.67 3.65
CA SER C 12 26.98 4.49 3.11
C SER C 12 26.03 3.69 2.22
N ASP C 13 26.58 2.73 1.49
CA ASP C 13 25.77 1.81 0.68
C ASP C 13 24.78 1.03 1.55
N LYS C 14 25.21 0.66 2.75
CA LYS C 14 24.33 -0.05 3.69
C LYS C 14 23.15 0.81 4.14
N PHE C 15 23.39 2.10 4.32
CA PHE C 15 22.32 3.00 4.73
C PHE C 15 21.24 3.02 3.65
N PHE C 16 21.68 3.13 2.39
CA PHE C 16 20.78 3.10 1.24
C PHE C 16 19.98 1.80 1.23
N GLU C 17 20.66 0.67 1.40
CA GLU C 17 19.99 -0.64 1.36
C GLU C 17 18.92 -0.79 2.45
N LEU C 18 19.20 -0.29 3.64
CA LEU C 18 18.24 -0.36 4.74
C LEU C 18 16.99 0.45 4.42
N LEU C 19 17.12 1.44 3.53
CA LEU C 19 15.98 2.25 3.09
C LEU C 19 15.25 1.64 1.89
N GLY C 20 15.81 0.59 1.30
CA GLY C 20 15.26 0.07 0.06
C GLY C 20 15.45 1.08 -1.05
N TYR C 21 16.50 1.87 -0.93
CA TYR C 21 16.78 3.00 -1.82
C TYR C 21 17.99 2.66 -2.68
N LYS C 22 17.82 2.74 -4.00
CA LYS C 22 18.92 2.48 -4.93
C LYS C 22 19.18 3.73 -5.76
N PRO C 23 20.07 4.60 -5.28
CA PRO C 23 20.23 5.91 -5.92
C PRO C 23 20.74 5.83 -7.35
N HIS C 24 20.34 6.80 -8.18
CA HIS C 24 20.95 7.04 -9.49
C HIS C 24 22.36 7.56 -9.32
N HIS C 25 23.12 7.57 -10.41
CA HIS C 25 24.48 8.08 -10.35
C HIS C 25 24.49 9.54 -9.92
N VAL C 26 23.48 10.31 -10.33
CA VAL C 26 23.43 11.72 -9.95
C VAL C 26 23.09 11.86 -8.47
N GLN C 27 22.16 11.04 -8.00
CA GLN C 27 21.81 11.03 -6.58
C GLN C 27 23.02 10.59 -5.76
N LEU C 28 23.70 9.56 -6.24
CA LEU C 28 24.90 9.07 -5.57
C LEU C 28 25.95 10.17 -5.47
N ALA C 29 26.08 10.97 -6.54
CA ALA C 29 27.04 12.07 -6.55
C ALA C 29 26.68 13.15 -5.54
N ILE C 30 25.39 13.44 -5.44
CA ILE C 30 24.90 14.45 -4.50
C ILE C 30 25.14 14.00 -3.07
N HIS C 31 24.78 12.75 -2.78
CA HIS C 31 24.87 12.23 -1.42
C HIS C 31 26.28 12.18 -0.87
N ARG C 32 27.26 11.87 -1.73
CA ARG C 32 28.62 11.68 -1.28
C ARG C 32 29.39 13.00 -1.17
N SER C 33 28.86 14.07 -1.77
CA SER C 33 29.54 15.37 -1.73
C SER C 33 29.63 15.92 -0.30
N THR C 34 30.79 16.48 0.04
CA THR C 34 31.04 16.97 1.39
C THR C 34 30.87 18.48 1.47
N ALA C 35 30.47 19.09 0.35
CA ALA C 35 30.36 20.54 0.27
C ALA C 35 29.23 21.08 1.17
N LYS C 36 29.50 22.20 1.84
CA LYS C 36 28.53 22.81 2.75
C LYS C 36 27.38 23.46 1.98
N ARG C 37 27.61 23.74 0.69
CA ARG C 37 26.58 24.25 -0.19
C ARG C 37 26.51 23.38 -1.45
N ARG C 38 25.54 22.48 -1.47
CA ARG C 38 25.32 21.64 -2.64
C ARG C 38 24.12 22.18 -3.43
N VAL C 39 24.34 22.37 -4.72
CA VAL C 39 23.32 22.93 -5.60
C VAL C 39 23.03 21.94 -6.73
N ALA C 40 21.80 21.43 -6.77
CA ALA C 40 21.47 20.42 -7.77
C ALA C 40 20.37 20.92 -8.69
N CYS C 41 20.68 20.97 -9.99
CA CYS C 41 19.74 21.43 -11.01
C CYS C 41 19.32 20.25 -11.88
N LEU C 42 18.15 19.69 -11.59
CA LEU C 42 17.72 18.46 -12.23
C LEU C 42 16.31 18.58 -12.79
N GLY C 43 16.04 17.86 -13.87
CA GLY C 43 14.74 17.90 -14.50
C GLY C 43 13.64 17.23 -13.69
N ARG C 44 12.41 17.51 -14.08
CA ARG C 44 11.23 16.91 -13.47
C ARG C 44 11.35 15.41 -13.37
N GLN C 45 10.95 14.88 -12.22
CA GLN C 45 10.85 13.46 -11.96
C GLN C 45 12.21 12.77 -11.96
N SER C 46 13.29 13.51 -11.68
CA SER C 46 14.63 12.94 -11.66
CA SER C 46 14.63 12.94 -11.66
C SER C 46 14.97 12.27 -10.33
N GLY C 47 14.24 12.62 -9.28
CA GLY C 47 14.49 12.09 -7.95
C GLY C 47 15.05 13.14 -7.00
N LYS C 48 14.72 14.40 -7.27
CA LYS C 48 15.14 15.49 -6.40
C LYS C 48 14.58 15.37 -5.00
N SER C 49 13.26 15.30 -4.90
CA SER C 49 12.62 15.25 -3.60
C SER C 49 12.97 13.96 -2.89
N GLU C 50 13.13 12.89 -3.66
CA GLU C 50 13.55 11.61 -3.09
C GLU C 50 14.91 11.75 -2.44
N ALA C 51 15.84 12.39 -3.15
CA ALA C 51 17.18 12.59 -2.62
C ALA C 51 17.13 13.45 -1.36
N ALA C 52 16.36 14.52 -1.39
CA ALA C 52 16.17 15.40 -0.23
C ALA C 52 15.67 14.62 0.98
N SER C 53 14.67 13.76 0.76
CA SER C 53 14.08 12.98 1.85
C SER C 53 15.12 12.04 2.46
N VAL C 54 15.94 11.40 1.62
CA VAL C 54 17.01 10.52 2.09
C VAL C 54 18.05 11.26 2.95
N GLU C 55 18.39 12.48 2.54
CA GLU C 55 19.33 13.30 3.30
C GLU C 55 18.80 13.58 4.70
N ALA C 56 17.52 13.91 4.79
CA ALA C 56 16.91 14.21 6.08
C ALA C 56 16.87 12.98 6.98
N VAL C 57 16.62 11.80 6.41
CA VAL C 57 16.61 10.58 7.22
C VAL C 57 18.01 10.30 7.75
N PHE C 58 19.02 10.47 6.89
CA PHE C 58 20.41 10.25 7.26
C PHE C 58 20.78 11.08 8.49
N GLU C 59 20.48 12.37 8.43
CA GLU C 59 20.77 13.28 9.54
C GLU C 59 20.09 12.84 10.83
N LEU C 60 18.82 12.47 10.73
CA LEU C 60 18.04 12.10 11.90
C LEU C 60 18.60 10.86 12.63
N PHE C 61 19.16 9.93 11.86
CA PHE C 61 19.57 8.63 12.39
C PHE C 61 21.08 8.49 12.58
N ALA C 62 21.84 9.05 11.65
CA ALA C 62 23.29 8.91 11.66
C ALA C 62 23.99 10.03 12.42
N ARG C 63 23.27 11.12 12.70
CA ARG C 63 23.83 12.22 13.48
C ARG C 63 22.90 12.63 14.63
N PRO C 64 22.90 11.84 15.72
CA PRO C 64 22.07 12.08 16.90
C PRO C 64 22.16 13.53 17.40
N GLY C 65 21.03 14.22 17.49
CA GLY C 65 21.00 15.59 18.00
C GLY C 65 21.01 16.63 16.89
N SER C 66 21.10 16.19 15.64
CA SER C 66 21.08 17.12 14.52
C SER C 66 19.72 17.78 14.42
N GLN C 67 19.71 19.00 13.92
CA GLN C 67 18.49 19.76 13.74
C GLN C 67 18.48 20.34 12.35
N GLY C 68 17.34 20.21 11.65
CA GLY C 68 17.25 20.74 10.31
C GLY C 68 15.85 20.99 9.81
N TRP C 69 15.77 21.67 8.67
CA TRP C 69 14.53 21.96 7.96
C TRP C 69 14.56 21.50 6.52
N ILE C 70 13.40 21.14 5.98
CA ILE C 70 13.20 21.21 4.54
C ILE C 70 12.23 22.35 4.29
N ILE C 71 12.56 23.17 3.29
CA ILE C 71 11.70 24.26 2.88
C ILE C 71 11.29 24.06 1.44
N ALA C 72 9.99 24.17 1.17
CA ALA C 72 9.45 24.11 -0.19
C ALA C 72 8.73 25.43 -0.47
N PRO C 73 8.35 25.68 -1.74
CA PRO C 73 7.66 26.94 -2.02
C PRO C 73 6.26 27.04 -1.39
N THR C 74 5.47 25.96 -1.41
CA THR C 74 4.11 25.97 -0.89
C THR C 74 3.89 24.95 0.22
N TYR C 75 2.80 25.14 0.96
CA TYR C 75 2.48 24.24 2.06
C TYR C 75 2.21 22.83 1.54
N ASP C 76 1.50 22.73 0.42
CA ASP C 76 1.20 21.43 -0.17
C ASP C 76 2.49 20.68 -0.46
N GLN C 77 3.47 21.38 -1.04
CA GLN C 77 4.74 20.76 -1.40
C GLN C 77 5.51 20.33 -0.15
N ALA C 78 5.51 21.18 0.88
CA ALA C 78 6.17 20.85 2.14
C ALA C 78 5.54 19.63 2.79
N GLU C 79 4.21 19.60 2.80
CA GLU C 79 3.46 18.49 3.40
C GLU C 79 3.82 17.15 2.78
N ILE C 80 3.81 17.11 1.46
CA ILE C 80 4.07 15.89 0.72
C ILE C 80 5.47 15.36 0.99
N ILE C 81 6.48 16.24 0.96
CA ILE C 81 7.83 15.77 1.16
C ILE C 81 8.08 15.43 2.64
N PHE C 82 7.43 16.16 3.56
CA PHE C 82 7.50 15.81 4.96
C PHE C 82 6.96 14.39 5.17
N GLY C 83 5.83 14.09 4.53
CA GLY C 83 5.22 12.77 4.64
C GLY C 83 6.13 11.67 4.11
N ARG C 84 6.90 12.00 3.07
CA ARG C 84 7.84 11.04 2.49
C ARG C 84 8.98 10.74 3.46
N VAL C 85 9.44 11.75 4.18
CA VAL C 85 10.46 11.54 5.22
C VAL C 85 9.89 10.73 6.39
N VAL C 86 8.66 11.03 6.80
CA VAL C 86 8.02 10.30 7.89
C VAL C 86 7.96 8.80 7.55
N GLU C 87 7.54 8.50 6.33
CA GLU C 87 7.42 7.12 5.89
C GLU C 87 8.76 6.40 6.08
N LYS C 88 9.82 7.00 5.56
CA LYS C 88 11.14 6.39 5.64
C LYS C 88 11.64 6.27 7.07
N VAL C 89 11.31 7.27 7.90
CA VAL C 89 11.75 7.28 9.29
C VAL C 89 11.07 6.16 10.08
N GLU C 90 9.76 5.99 9.87
CA GLU C 90 8.97 5.04 10.65
C GLU C 90 9.39 3.61 10.34
N ARG C 91 9.69 3.35 9.08
CA ARG C 91 10.08 2.00 8.67
C ARG C 91 11.51 1.73 9.12
N LEU C 92 12.39 2.70 8.93
CA LEU C 92 13.78 2.51 9.31
C LEU C 92 13.93 2.36 10.84
N ALA C 93 13.03 3.00 11.59
CA ALA C 93 13.09 2.90 13.05
C ALA C 93 12.91 1.45 13.51
N GLU C 94 12.23 0.65 12.69
CA GLU C 94 11.96 -0.76 13.02
C GLU C 94 13.23 -1.58 13.23
N VAL C 95 14.33 -1.17 12.61
CA VAL C 95 15.61 -1.87 12.74
C VAL C 95 16.64 -1.06 13.53
N PHE C 96 16.16 -0.06 14.25
CA PHE C 96 17.00 0.66 15.21
C PHE C 96 16.33 0.65 16.57
N PRO C 97 16.57 -0.42 17.35
CA PRO C 97 15.94 -0.61 18.65
C PRO C 97 16.23 0.50 19.66
N ALA C 98 17.34 1.23 19.50
CA ALA C 98 17.70 2.30 20.43
C ALA C 98 17.14 3.67 20.01
N THR C 99 16.32 3.69 18.96
CA THR C 99 15.67 4.93 18.55
C THR C 99 14.17 4.89 18.80
N GLU C 100 13.59 6.06 18.97
CA GLU C 100 12.17 6.23 19.19
C GLU C 100 11.67 7.43 18.38
N VAL C 101 10.66 7.21 17.54
CA VAL C 101 10.10 8.29 16.74
C VAL C 101 8.98 8.98 17.50
N GLN C 102 8.90 10.30 17.36
CA GLN C 102 7.78 11.07 17.87
C GLN C 102 7.35 12.09 16.81
N LEU C 103 6.12 11.92 16.34
CA LEU C 103 5.60 12.72 15.23
C LEU C 103 4.65 13.81 15.73
N GLN C 104 4.60 14.91 15.00
CA GLN C 104 3.61 15.95 15.24
C GLN C 104 3.17 16.46 13.86
N ARG C 105 2.23 15.74 13.27
CA ARG C 105 1.92 15.85 11.84
C ARG C 105 1.44 17.23 11.41
N ARG C 106 0.65 17.89 12.25
CA ARG C 106 0.10 19.19 11.87
C ARG C 106 1.18 20.26 11.92
N ARG C 107 2.13 20.11 12.84
CA ARG C 107 3.23 21.05 12.98
C ARG C 107 4.37 20.79 12.01
N LEU C 108 4.22 19.75 11.18
CA LEU C 108 5.30 19.25 10.34
C LEU C 108 6.61 19.18 11.14
N ARG C 109 6.53 18.48 12.26
CA ARG C 109 7.66 18.33 13.16
C ARG C 109 7.88 16.86 13.48
N LEU C 110 9.13 16.46 13.37
CA LEU C 110 9.53 15.08 13.56
C LEU C 110 10.71 15.02 14.53
N LEU C 111 10.60 14.15 15.53
CA LEU C 111 11.69 13.89 16.47
C LEU C 111 12.10 12.43 16.43
N VAL C 112 13.41 12.19 16.40
CA VAL C 112 13.94 10.85 16.62
C VAL C 112 14.83 10.86 17.84
N HIS C 113 14.34 10.24 18.91
CA HIS C 113 15.10 10.14 20.15
C HIS C 113 16.08 8.99 20.08
N HIS C 114 17.33 9.25 20.47
CA HIS C 114 18.35 8.22 20.54
C HIS C 114 18.64 7.85 21.98
N TYR C 115 18.65 6.55 22.26
CA TYR C 115 18.92 6.01 23.58
C TYR C 115 20.27 5.30 23.61
N ASP C 116 20.80 5.06 24.80
CA ASP C 116 22.10 4.42 24.92
C ASP C 116 21.99 2.91 24.79
N ARG C 117 20.76 2.42 24.67
CA ARG C 117 20.51 0.98 24.52
C ARG C 117 19.09 0.84 23.99
N PRO C 118 18.66 -0.40 23.68
CA PRO C 118 17.28 -0.59 23.20
C PRO C 118 16.26 0.08 24.12
N VAL C 119 15.33 0.84 23.52
CA VAL C 119 14.36 1.65 24.26
C VAL C 119 13.64 0.87 25.36
N ASN C 120 13.34 -0.40 25.08
CA ASN C 120 12.55 -1.20 25.99
C ASN C 120 13.34 -1.75 27.17
N ALA C 121 14.67 -1.83 27.02
CA ALA C 121 15.53 -2.41 28.04
C ALA C 121 15.55 -1.57 29.33
N PRO C 122 15.73 -2.24 30.48
CA PRO C 122 15.78 -1.46 31.72
C PRO C 122 17.00 -0.54 31.79
N GLY C 123 16.80 0.66 32.34
CA GLY C 123 17.88 1.61 32.53
C GLY C 123 18.17 2.45 31.30
N ALA C 124 17.39 2.26 30.25
CA ALA C 124 17.57 3.00 28.99
C ALA C 124 17.55 4.51 29.23
N LYS C 125 18.62 5.18 28.83
CA LYS C 125 18.73 6.63 28.93
C LYS C 125 18.69 7.31 27.56
N ARG C 126 17.91 8.38 27.45
CA ARG C 126 17.95 9.24 26.27
C ARG C 126 19.24 10.02 26.18
N VAL C 127 19.98 9.82 25.10
CA VAL C 127 21.25 10.53 24.89
C VAL C 127 21.02 11.83 24.13
N ALA C 128 20.26 11.76 23.05
CA ALA C 128 20.03 12.93 22.20
C ALA C 128 18.71 12.83 21.46
N THR C 129 18.33 13.93 20.84
CA THR C 129 17.11 14.00 20.06
C THR C 129 17.40 14.78 18.79
N SER C 130 17.27 14.10 17.66
CA SER C 130 17.37 14.76 16.38
C SER C 130 16.01 15.34 16.03
N GLU C 131 16.00 16.49 15.35
CA GLU C 131 14.76 17.18 15.01
C GLU C 131 14.73 17.56 13.53
N PHE C 132 13.56 17.38 12.94
CA PHE C 132 13.34 17.71 11.55
C PHE C 132 12.00 18.42 11.40
N ARG C 133 11.98 19.52 10.64
CA ARG C 133 10.75 20.29 10.44
C ARG C 133 10.54 20.63 8.98
N GLY C 134 9.26 20.73 8.60
CA GLY C 134 8.88 21.15 7.26
C GLY C 134 8.42 22.60 7.27
N LYS C 135 8.85 23.35 6.26
CA LYS C 135 8.53 24.77 6.13
C LYS C 135 8.09 25.08 4.70
N SER C 136 7.33 26.17 4.53
CA SER C 136 6.91 26.60 3.20
C SER C 136 7.07 28.11 3.02
N ALA C 137 7.53 28.51 1.83
CA ALA C 137 7.81 29.91 1.54
C ALA C 137 6.55 30.77 1.53
N ASP C 138 5.38 30.15 1.37
CA ASP C 138 4.12 30.88 1.41
C ASP C 138 3.70 31.25 2.85
N ARG C 139 4.43 30.73 3.84
N ARG C 139 4.42 30.71 3.83
CA ARG C 139 4.13 30.97 5.25
CA ARG C 139 4.14 30.98 5.24
C ARG C 139 5.37 31.46 6.01
C ARG C 139 5.38 31.47 5.98
N PRO C 140 5.55 32.79 6.09
CA PRO C 140 6.78 33.34 6.73
C PRO C 140 6.83 33.35 8.26
N ASP C 141 5.71 33.22 8.95
CA ASP C 141 5.68 33.52 10.39
C ASP C 141 6.48 32.54 11.25
N ASN C 142 6.58 31.28 10.82
CA ASN C 142 7.29 30.27 11.61
C ASN C 142 8.69 29.94 11.08
N LEU C 143 9.29 30.88 10.36
CA LEU C 143 10.60 30.65 9.73
C LEU C 143 11.79 31.30 10.44
N ARG C 144 11.53 32.02 11.52
CA ARG C 144 12.57 32.84 12.13
C ARG C 144 13.07 32.31 13.48
N GLY C 145 14.38 32.32 13.66
CA GLY C 145 14.99 32.21 14.97
C GLY C 145 15.72 30.92 15.30
N ALA C 146 15.86 30.03 14.33
CA ALA C 146 16.42 28.70 14.58
C ALA C 146 17.94 28.66 14.44
N THR C 147 18.55 27.69 15.14
CA THR C 147 19.97 27.39 15.01
C THR C 147 20.11 25.94 14.54
N LEU C 148 20.49 25.75 13.28
CA LEU C 148 20.37 24.44 12.62
C LEU C 148 21.68 23.86 12.11
N ASP C 149 21.70 22.54 11.96
CA ASP C 149 22.83 21.86 11.36
C ASP C 149 22.67 21.73 9.84
N PHE C 150 21.45 21.71 9.35
CA PHE C 150 21.22 21.60 7.92
C PHE C 150 19.88 22.19 7.47
N VAL C 151 19.84 22.63 6.21
CA VAL C 151 18.60 22.99 5.55
C VAL C 151 18.59 22.42 4.14
N ILE C 152 17.42 21.97 3.71
CA ILE C 152 17.24 21.51 2.35
C ILE C 152 16.14 22.33 1.71
N LEU C 153 16.46 22.97 0.60
CA LEU C 153 15.47 23.74 -0.15
C LEU C 153 15.10 22.95 -1.39
N ASP C 154 13.86 22.46 -1.41
CA ASP C 154 13.34 21.71 -2.55
C ASP C 154 12.58 22.68 -3.46
N GLU C 155 12.76 22.52 -4.77
CA GLU C 155 12.31 23.50 -5.76
C GLU C 155 12.71 24.92 -5.36
N ALA C 156 13.98 25.07 -5.01
CA ALA C 156 14.51 26.32 -4.50
C ALA C 156 14.38 27.50 -5.47
N ALA C 157 14.40 27.22 -6.77
CA ALA C 157 14.33 28.27 -7.78
C ALA C 157 13.00 29.02 -7.72
N MET C 158 12.01 28.42 -7.07
CA MET C 158 10.69 29.02 -6.88
C MET C 158 10.58 29.69 -5.51
N ILE C 159 11.59 29.53 -4.67
CA ILE C 159 11.67 30.22 -3.39
C ILE C 159 12.35 31.58 -3.60
N PRO C 160 11.72 32.68 -3.16
CA PRO C 160 12.36 33.97 -3.36
C PRO C 160 13.71 34.03 -2.66
N PHE C 161 14.63 34.80 -3.24
CA PHE C 161 15.95 34.95 -2.66
C PHE C 161 15.87 35.47 -1.22
N SER C 162 14.92 36.36 -0.98
CA SER C 162 14.76 36.99 0.34
C SER C 162 14.55 35.95 1.45
N VAL C 163 13.81 34.89 1.12
CA VAL C 163 13.56 33.83 2.09
C VAL C 163 14.89 33.19 2.48
N TRP C 164 15.72 32.90 1.48
CA TRP C 164 17.03 32.31 1.74
C TRP C 164 17.92 33.26 2.57
N SER C 165 18.02 34.52 2.15
CA SER C 165 18.93 35.47 2.77
C SER C 165 18.52 35.90 4.17
N GLU C 166 17.22 36.13 4.36
CA GLU C 166 16.71 36.73 5.59
C GLU C 166 16.21 35.71 6.61
N ALA C 167 15.68 34.59 6.13
CA ALA C 167 15.10 33.59 7.01
C ALA C 167 15.99 32.35 7.15
N ILE C 168 16.38 31.75 6.03
CA ILE C 168 17.01 30.41 6.09
C ILE C 168 18.51 30.41 6.38
N GLU C 169 19.28 31.17 5.59
N GLU C 169 19.28 31.17 5.59
CA GLU C 169 20.73 31.15 5.69
CA GLU C 169 20.73 31.14 5.70
C GLU C 169 21.25 31.45 7.11
C GLU C 169 21.27 31.45 7.11
N PRO C 170 20.64 32.42 7.81
CA PRO C 170 21.13 32.73 9.17
C PRO C 170 21.05 31.55 10.15
N THR C 171 20.23 30.54 9.85
CA THR C 171 20.06 29.43 10.78
C THR C 171 21.30 28.53 10.80
N LEU C 172 22.16 28.69 9.79
CA LEU C 172 23.36 27.85 9.64
C LEU C 172 24.62 28.46 10.27
N SER C 173 24.56 29.75 10.61
CA SER C 173 25.72 30.51 11.09
C SER C 173 26.46 29.87 12.27
N VAL C 174 25.76 29.73 13.39
CA VAL C 174 26.38 29.28 14.63
C VAL C 174 27.13 27.98 14.47
N ARG C 175 26.45 26.98 13.90
CA ARG C 175 27.02 25.64 13.82
C ARG C 175 27.63 25.37 12.43
N ASP C 176 27.71 26.40 11.61
CA ASP C 176 28.24 26.27 10.26
C ASP C 176 27.54 25.11 9.54
N GLY C 177 26.22 25.13 9.56
CA GLY C 177 25.42 24.05 9.00
C GLY C 177 25.54 24.01 7.49
N TRP C 178 25.10 22.91 6.88
CA TRP C 178 25.15 22.77 5.43
C TRP C 178 23.78 23.02 4.78
N ALA C 179 23.80 23.31 3.49
CA ALA C 179 22.58 23.47 2.71
C ALA C 179 22.61 22.62 1.44
N LEU C 180 21.48 22.00 1.16
CA LEU C 180 21.24 21.32 -0.12
C LEU C 180 20.15 22.07 -0.87
N ILE C 181 20.52 22.62 -2.02
CA ILE C 181 19.65 23.50 -2.78
C ILE C 181 19.36 22.83 -4.10
N ILE C 182 18.15 22.31 -4.22
CA ILE C 182 17.80 21.46 -5.34
C ILE C 182 16.53 21.96 -6.00
N SER C 183 16.51 21.97 -7.33
CA SER C 183 15.38 22.53 -8.05
C SER C 183 15.42 22.19 -9.54
N THR C 184 14.25 22.29 -10.15
CA THR C 184 14.17 22.54 -11.59
C THR C 184 14.43 24.03 -11.78
N PRO C 185 15.20 24.39 -12.82
CA PRO C 185 15.55 25.81 -12.94
C PRO C 185 14.36 26.67 -13.34
N LYS C 186 14.40 27.94 -12.93
CA LYS C 186 13.38 28.91 -13.28
C LYS C 186 14.09 30.18 -13.79
N GLY C 187 14.87 30.02 -14.86
CA GLY C 187 15.60 31.14 -15.44
C GLY C 187 16.86 31.50 -14.67
N LEU C 188 17.29 32.76 -14.85
CA LEU C 188 18.59 33.21 -14.38
C LEU C 188 18.54 33.92 -13.04
N ASN C 189 17.78 33.37 -12.09
CA ASN C 189 17.63 33.98 -10.78
C ASN C 189 18.72 33.52 -9.80
N TRP C 190 18.47 33.69 -8.51
CA TRP C 190 19.47 33.40 -7.50
C TRP C 190 19.91 31.94 -7.52
N PHE C 191 19.03 31.05 -7.96
CA PHE C 191 19.35 29.63 -8.01
C PHE C 191 20.43 29.36 -9.05
N TYR C 192 20.28 30.00 -10.21
CA TYR C 192 21.31 29.98 -11.24
C TYR C 192 22.64 30.53 -10.70
N GLU C 193 22.58 31.64 -9.98
CA GLU C 193 23.78 32.26 -9.41
C GLU C 193 24.48 31.28 -8.48
N PHE C 194 23.72 30.65 -7.60
CA PHE C 194 24.30 29.71 -6.66
C PHE C 194 24.85 28.50 -7.39
N PHE C 195 24.13 28.04 -8.40
CA PHE C 195 24.57 26.90 -9.19
C PHE C 195 25.95 27.13 -9.79
N LEU C 196 26.16 28.29 -10.39
CA LEU C 196 27.45 28.61 -11.02
C LEU C 196 28.61 28.59 -10.03
N MET C 197 28.37 29.00 -8.78
CA MET C 197 29.41 29.02 -7.77
C MET C 197 30.01 27.63 -7.53
N GLY C 198 29.23 26.59 -7.85
CA GLY C 198 29.65 25.22 -7.60
C GLY C 198 29.89 24.43 -8.87
N TRP C 199 29.68 25.05 -10.03
CA TRP C 199 29.76 24.32 -11.31
C TRP C 199 31.17 24.21 -11.85
N ARG C 200 31.65 22.97 -11.96
CA ARG C 200 33.00 22.68 -12.45
C ARG C 200 32.94 21.65 -13.59
N GLY C 201 31.76 21.52 -14.21
CA GLY C 201 31.60 20.56 -15.29
C GLY C 201 32.04 21.08 -16.65
N GLY C 202 32.38 22.37 -16.71
CA GLY C 202 32.78 22.99 -17.96
C GLY C 202 31.56 23.35 -18.79
N LEU C 203 31.77 23.73 -20.05
CA LEU C 203 30.67 24.19 -20.88
C LEU C 203 29.66 23.08 -21.13
N LYS C 204 28.40 23.40 -20.86
CA LYS C 204 27.27 22.52 -21.16
C LYS C 204 26.15 23.36 -21.72
N GLU C 205 25.45 22.84 -22.73
CA GLU C 205 24.28 23.52 -23.27
C GLU C 205 23.23 23.66 -22.18
N GLY C 206 22.54 24.79 -22.17
CA GLY C 206 21.51 25.05 -21.18
C GLY C 206 22.04 25.78 -19.97
N ILE C 207 23.37 25.86 -19.86
CA ILE C 207 24.03 26.59 -18.80
C ILE C 207 24.81 27.76 -19.38
N PRO C 208 24.18 28.95 -19.45
CA PRO C 208 24.95 30.13 -19.84
C PRO C 208 26.08 30.37 -18.86
N ASN C 209 27.13 31.05 -19.30
CA ASN C 209 28.29 31.37 -18.46
C ASN C 209 29.06 30.16 -17.95
N SER C 210 28.69 28.97 -18.41
CA SER C 210 29.48 27.78 -18.10
C SER C 210 30.88 27.93 -18.69
N GLY C 211 31.90 27.52 -17.95
CA GLY C 211 33.28 27.58 -18.42
C GLY C 211 34.00 28.86 -18.05
N ILE C 212 33.26 29.95 -17.88
CA ILE C 212 33.84 31.24 -17.50
C ILE C 212 33.32 31.68 -16.13
N ASN C 213 32.58 30.79 -15.47
CA ASN C 213 32.03 31.06 -14.15
C ASN C 213 33.08 30.90 -13.05
N GLN C 214 33.06 31.80 -12.07
CA GLN C 214 33.95 31.71 -10.92
C GLN C 214 33.36 30.81 -9.83
N THR C 215 34.10 29.79 -9.44
CA THR C 215 33.63 28.83 -8.44
C THR C 215 33.99 29.27 -7.02
N HIS C 216 33.33 28.65 -6.06
CA HIS C 216 33.57 28.86 -4.65
C HIS C 216 33.89 27.53 -4.00
N PRO C 217 34.77 27.54 -2.98
CA PRO C 217 35.31 26.29 -2.43
C PRO C 217 34.25 25.45 -1.71
N ASP C 218 33.32 26.13 -1.05
CA ASP C 218 32.28 25.45 -0.28
C ASP C 218 31.10 25.01 -1.15
N PHE C 219 31.20 25.25 -2.46
CA PHE C 219 30.09 24.99 -3.38
C PHE C 219 30.38 23.83 -4.31
N GLU C 220 29.40 22.93 -4.43
CA GLU C 220 29.46 21.90 -5.46
C GLU C 220 28.09 21.78 -6.12
N SER C 221 28.09 21.75 -7.45
CA SER C 221 26.87 21.74 -8.22
C SER C 221 26.76 20.50 -9.12
N PHE C 222 25.51 20.12 -9.39
CA PHE C 222 25.18 18.93 -10.15
C PHE C 222 24.07 19.26 -11.13
N HIS C 223 24.14 18.68 -12.32
CA HIS C 223 23.22 19.01 -13.40
C HIS C 223 22.91 17.79 -14.25
N ALA C 224 21.62 17.50 -14.41
CA ALA C 224 21.20 16.38 -15.24
C ALA C 224 19.77 16.59 -15.74
N ALA C 225 19.57 16.34 -17.03
CA ALA C 225 18.24 16.31 -17.60
C ALA C 225 17.54 15.05 -17.11
N SER C 226 16.22 15.04 -17.20
CA SER C 226 15.43 13.91 -16.73
C SER C 226 15.81 12.64 -17.48
N TRP C 227 16.13 12.77 -18.77
CA TRP C 227 16.48 11.60 -19.57
C TRP C 227 17.92 11.16 -19.34
N ASP C 228 18.74 12.00 -18.71
CA ASP C 228 20.11 11.63 -18.38
C ASP C 228 20.19 10.79 -17.09
N VAL C 229 19.12 10.75 -16.31
CA VAL C 229 19.10 9.91 -15.12
C VAL C 229 18.20 8.69 -15.32
N TRP C 230 17.27 8.80 -16.29
N TRP C 230 17.27 8.78 -16.27
CA TRP C 230 16.44 7.67 -16.72
CA TRP C 230 16.49 7.63 -16.71
C TRP C 230 16.63 7.42 -18.23
C TRP C 230 16.65 7.45 -18.21
N PRO C 231 17.81 6.93 -18.63
CA PRO C 231 18.07 6.71 -20.05
C PRO C 231 17.11 5.69 -20.68
N GLU C 232 16.59 4.78 -19.86
CA GLU C 232 15.69 3.75 -20.34
C GLU C 232 14.35 4.36 -20.74
N ARG C 233 14.05 5.51 -20.16
CA ARG C 233 12.81 6.24 -20.45
C ARG C 233 13.02 7.33 -21.50
N ARG C 234 14.18 7.36 -22.12
CA ARG C 234 14.55 8.49 -22.98
C ARG C 234 13.46 8.83 -23.99
N GLU C 235 12.87 7.82 -24.62
CA GLU C 235 11.89 8.08 -25.67
C GLU C 235 10.48 8.40 -25.14
N TRP C 236 10.27 8.22 -23.84
CA TRP C 236 9.03 8.69 -23.21
C TRP C 236 9.09 10.19 -23.04
N TYR C 237 10.24 10.69 -22.59
CA TYR C 237 10.40 12.11 -22.31
C TYR C 237 10.39 12.92 -23.59
N MET C 238 10.94 12.35 -24.66
CA MET C 238 11.00 13.05 -25.94
C MET C 238 9.67 12.94 -26.69
N GLU C 239 8.74 12.16 -26.13
CA GLU C 239 7.36 12.19 -26.62
C GLU C 239 6.69 13.47 -26.14
N ARG C 240 6.94 13.82 -24.86
CA ARG C 240 6.40 15.03 -24.24
C ARG C 240 6.81 16.28 -25.01
N ARG C 241 7.95 16.16 -25.69
CA ARG C 241 8.49 17.18 -26.55
C ARG C 241 7.47 17.70 -27.58
N LEU C 242 6.54 16.84 -27.95
CA LEU C 242 5.63 17.11 -29.04
C LEU C 242 4.38 17.89 -28.63
N TYR C 243 4.19 18.09 -27.32
CA TYR C 243 3.02 18.86 -26.88
C TYR C 243 3.33 19.77 -25.69
N ILE C 244 4.62 19.96 -25.43
CA ILE C 244 5.11 20.95 -24.49
C ILE C 244 5.93 21.95 -25.29
N PRO C 245 5.72 23.26 -25.07
CA PRO C 245 6.53 24.26 -25.79
C PRO C 245 8.02 24.03 -25.58
N ASP C 246 8.81 24.32 -26.61
CA ASP C 246 10.24 24.07 -26.59
C ASP C 246 10.90 24.66 -25.33
N LEU C 247 10.64 25.94 -25.06
CA LEU C 247 11.26 26.61 -23.91
C LEU C 247 10.93 25.92 -22.58
N GLU C 248 9.68 25.49 -22.43
CA GLU C 248 9.25 24.84 -21.20
C GLU C 248 9.89 23.46 -21.07
N PHE C 249 9.89 22.70 -22.18
CA PHE C 249 10.50 21.38 -22.16
C PHE C 249 11.97 21.42 -21.78
N ARG C 250 12.71 22.34 -22.40
N ARG C 250 12.71 22.33 -22.40
CA ARG C 250 14.15 22.46 -22.13
CA ARG C 250 14.13 22.46 -22.13
C ARG C 250 14.39 22.81 -20.67
C ARG C 250 14.39 22.82 -20.68
N GLN C 251 13.53 23.65 -20.10
CA GLN C 251 13.69 24.06 -18.71
C GLN C 251 13.27 22.93 -17.75
N GLU C 252 12.08 22.38 -17.96
CA GLU C 252 11.48 21.48 -16.98
C GLU C 252 12.06 20.08 -17.03
N TYR C 253 12.43 19.63 -18.23
CA TYR C 253 12.94 18.27 -18.41
C TYR C 253 14.41 18.30 -18.79
N GLY C 254 14.83 19.31 -19.53
CA GLY C 254 16.22 19.46 -19.90
C GLY C 254 17.06 20.11 -18.81
N ALA C 255 16.39 20.70 -17.81
CA ALA C 255 17.05 21.40 -16.71
C ALA C 255 17.94 22.53 -17.21
N GLU C 256 17.56 23.15 -18.32
CA GLU C 256 18.34 24.23 -18.90
C GLU C 256 18.01 25.56 -18.24
N PHE C 257 19.04 26.36 -18.00
CA PHE C 257 18.87 27.73 -17.52
C PHE C 257 18.53 28.64 -18.70
N VAL C 258 17.29 29.12 -18.74
CA VAL C 258 16.78 29.91 -19.85
C VAL C 258 15.70 30.88 -19.36
MG MG D . 11.00 -27.57 8.18
BE BEF E . 12.13 -30.19 9.88
F1 BEF E . 11.63 -30.29 11.31
F2 BEF E . 13.65 -30.74 9.79
F3 BEF E . 11.92 -28.70 9.39
PB ADP F . 10.32 -30.85 7.66
O1B ADP F . 11.16 -31.28 8.92
O2B ADP F . 9.01 -31.58 7.78
O3B ADP F . 10.08 -29.35 7.54
PA ADP F . 11.09 -30.79 4.98
O1A ADP F . 12.31 -29.87 4.81
O2A ADP F . 9.84 -30.05 4.56
O3A ADP F . 11.10 -31.36 6.43
O5' ADP F . 11.24 -32.06 4.09
C5' ADP F . 12.28 -32.91 4.31
C4' ADP F . 12.87 -33.57 3.10
O4' ADP F . 11.88 -34.39 2.51
C3' ADP F . 13.23 -32.58 2.12
O3' ADP F . 14.36 -32.97 1.40
C2' ADP F . 12.07 -32.51 1.23
O2' ADP F . 12.47 -32.13 -0.05
C1' ADP F . 11.56 -33.87 1.23
N9 ADP F . 10.15 -33.96 1.04
C8 ADP F . 9.17 -33.44 1.80
N7 ADP F . 8.00 -33.81 1.25
C5 ADP F . 8.23 -34.58 0.14
C6 ADP F . 7.40 -35.25 -0.82
N6 ADP F . 5.90 -35.17 -0.74
N1 ADP F . 7.98 -35.93 -1.82
C2 ADP F . 9.33 -36.00 -1.92
N3 ADP F . 10.13 -35.40 -1.04
C4 ADP F . 9.61 -34.68 0.00
S SO4 G . 17.09 -6.34 -2.43
O1 SO4 G . 16.22 -6.56 -1.27
O2 SO4 G . 17.66 -7.62 -2.83
O3 SO4 G . 16.32 -5.76 -3.53
O4 SO4 G . 18.14 -5.41 -2.03
MG MG H . -21.31 14.02 -9.07
BE BEF I . -23.77 15.60 -10.72
F1 BEF I . -23.55 17.25 -10.99
F2 BEF I . -22.41 14.87 -10.46
F3 BEF I . -24.59 14.89 -11.97
PB ADP J . -24.41 14.82 -7.93
O1B ADP J . -23.11 14.05 -8.06
O2B ADP J . -25.57 13.90 -7.61
O3B ADP J . -24.78 15.56 -9.28
PA ADP J . -23.25 16.11 -5.70
O1A ADP J . -22.87 14.80 -5.04
O2A ADP J . -21.99 16.82 -6.22
O3A ADP J . -24.30 15.93 -6.86
O5' ADP J . -23.96 17.01 -4.66
C5' ADP J . -24.42 18.24 -5.01
C4' ADP J . -24.39 19.27 -3.93
O4' ADP J . -25.34 18.91 -2.93
C3' ADP J . -23.09 19.28 -3.30
O3' ADP J . -22.73 20.57 -2.90
C2' ADP J . -23.24 18.43 -2.13
O2' ADP J . -22.38 18.86 -1.12
C1' ADP J . -24.63 18.58 -1.73
N9 ADP J . -25.20 17.41 -1.15
C8 ADP J . -25.35 16.19 -1.71
N7 ADP J . -25.96 15.39 -0.79
C5 ADP J . -26.18 16.11 0.35
C6 ADP J . -26.77 15.81 1.61
N6 ADP J . -27.30 14.44 1.92
N1 ADP J . -26.84 16.78 2.55
C2 ADP J . -26.37 18.03 2.29
N3 ADP J . -25.81 18.35 1.12
C4 ADP J . -25.71 17.41 0.13
S SO4 K . 0.90 6.06 -10.97
O1 SO4 K . 1.43 6.10 -9.61
O2 SO4 K . 1.92 5.55 -11.88
O3 SO4 K . -0.27 5.20 -11.03
O4 SO4 K . 0.53 7.42 -11.39
MG MG L . 10.04 17.07 -6.22
BE BEF M . 9.34 17.01 -9.48
F1 BEF M . 9.90 18.14 -10.45
F2 BEF M . 8.01 16.46 -10.17
F3 BEF M . 9.18 17.48 -7.95
PB ADP N . 11.26 15.05 -8.57
O1B ADP N . 11.18 15.73 -7.22
O2B ADP N . 12.67 15.11 -9.05
O3B ADP N . 10.41 15.78 -9.67
PA ADP N . 10.71 12.71 -7.22
O1A ADP N . 11.88 12.90 -6.21
O2A ADP N . 9.41 13.06 -6.54
O3A ADP N . 10.83 13.57 -8.53
O5' ADP N . 10.74 11.20 -7.68
C5' ADP N . 9.97 10.82 -8.73
C4' ADP N . 9.49 9.40 -8.74
O4' ADP N . 10.57 8.53 -9.04
C3' ADP N . 9.03 9.06 -7.41
O3' ADP N . 7.98 8.16 -7.48
C2' ADP N . 10.18 8.43 -6.76
O2' ADP N . 9.73 7.46 -5.86
C1' ADP N . 10.91 7.81 -7.85
N9 ADP N . 12.32 7.83 -7.64
C8 ADP N . 13.13 8.87 -7.41
N7 ADP N . 14.39 8.39 -7.27
C5 ADP N . 14.38 7.03 -7.44
C6 ADP N . 15.37 6.00 -7.41
N6 ADP N . 16.81 6.31 -7.16
N1 ADP N . 14.99 4.72 -7.62
C2 ADP N . 13.69 4.39 -7.84
N3 ADP N . 12.74 5.34 -7.88
C4 ADP N . 13.06 6.66 -7.67
S SO4 O . 0.04 18.22 16.20
O1 SO4 O . -1.24 18.41 16.87
O2 SO4 O . 0.97 17.54 17.10
O3 SO4 O . -0.16 17.40 15.00
O4 SO4 O . 0.60 19.51 15.81
#